data_8XVZ
#
_entry.id   8XVZ
#
_cell.length_a   1.00
_cell.length_b   1.00
_cell.length_c   1.00
_cell.angle_alpha   90.00
_cell.angle_beta   90.00
_cell.angle_gamma   90.00
#
_symmetry.space_group_name_H-M   'P 1'
#
_entity_poly.entity_id   1
_entity_poly.type   'polypeptide(L)'
_entity_poly.pdbx_seq_one_letter_code
;MEFGSFLVSLGTSFVIFVILMLLFTWLSRKSGNAPIYYPNRILKGLEPWEGTSLTRNPFAWMREALTSSEQDVVNLSGVD
TAVHFVFLSTVLGIFACSSLLLLPTLLPLAATDNNIKNTKNATDTTSKGTFSQLDNLSMANITKKSSRLWAFLGAVYWIS
LVTYFFLWKAYKHVSSLRAQALMSADVKPEQFAILVRDMPAPPDGQTQKEFIDSYFREIYPETFYRSLVATENSKVNKIW
EKLEGYKKKLARAEAILAATNNRPTNKTGFCGLVGKQVDSIEYYTELINESVAKLETEQKAVLAEKQQTAAVVFFTTRVA
AASAAQSLHCQMVDKWTVTEAPEPRQLLWQNLNIKLFSRIIRQYFIYFFVAVTILFYMIPIAFVSAITTLKNLQRIIPFI
KPVVEITAIRTVLESFLPQIALIVFLAMLPKLLLFLSKAEGIPSQSHAIRAASGKYFYFSVFNVFIGVTLAGTLFNTVKD
IAKNPKLDMIINLLATSLPKSATFFLTYVALKFFIGYGLELSRIIPLIIFHLKKKYLCKTEAEVKEAWYPGDLSYATRVP
GDMLILTITFCYSVIAPLILIFGITYFGLGWLVLRNQALKVYVPSYESYGEMWPHIHQEILAALFLFQVVMFGYLGAKTF
FYTALVIPLIITSLIFGYVCRQKFYGGFEHTALEVACRELKQSPDLEEIFRAYIPHSLSSHKPEEHEFKGAMSRYQDFNA
IAGVSNSLEV
;
_entity_poly.pdbx_strand_id   A,B
#
# COMPACT_ATOMS: atom_id res chain seq x y z
N PHE A 3 -21.87 23.70 31.77
CA PHE A 3 -20.88 22.75 31.30
C PHE A 3 -19.57 23.44 30.96
N GLY A 4 -19.34 23.68 29.68
CA GLY A 4 -18.10 24.32 29.25
C GLY A 4 -18.04 25.81 29.51
N SER A 5 -19.16 26.41 29.93
CA SER A 5 -19.18 27.85 30.20
C SER A 5 -18.19 28.21 31.31
N PHE A 6 -18.20 27.44 32.39
CA PHE A 6 -17.25 27.70 33.47
C PHE A 6 -15.83 27.42 33.01
N LEU A 7 -15.65 26.43 32.14
CA LEU A 7 -14.31 26.13 31.64
C LEU A 7 -13.75 27.32 30.86
N VAL A 8 -14.57 27.92 29.99
CA VAL A 8 -14.13 29.09 29.25
C VAL A 8 -13.98 30.29 30.17
N SER A 9 -14.77 30.35 31.24
CA SER A 9 -14.59 31.39 32.24
C SER A 9 -13.21 31.29 32.88
N LEU A 10 -12.77 30.07 33.19
CA LEU A 10 -11.39 29.90 33.62
C LEU A 10 -10.48 30.33 32.48
N GLY A 11 -10.41 29.50 31.43
CA GLY A 11 -10.33 29.98 30.08
C GLY A 11 -9.63 31.29 29.78
N THR A 12 -10.46 32.16 29.20
CA THR A 12 -10.00 33.48 28.75
C THR A 12 -9.39 34.29 29.89
N SER A 13 -9.88 34.11 31.12
CA SER A 13 -9.30 34.85 32.24
C SER A 13 -7.85 34.46 32.45
N PHE A 14 -7.58 33.15 32.51
CA PHE A 14 -6.21 32.69 32.67
C PHE A 14 -5.36 33.12 31.49
N VAL A 15 -5.90 33.03 30.28
CA VAL A 15 -5.13 33.43 29.09
C VAL A 15 -4.76 34.90 29.19
N ILE A 16 -5.70 35.74 29.59
CA ILE A 16 -5.43 37.17 29.71
C ILE A 16 -4.36 37.42 30.76
N PHE A 17 -4.50 36.78 31.92
CA PHE A 17 -3.51 37.00 32.98
C PHE A 17 -2.12 36.60 32.52
N VAL A 18 -2.02 35.44 31.89
CA VAL A 18 -0.71 34.94 31.47
C VAL A 18 -0.13 35.81 30.36
N ILE A 19 -0.96 36.29 29.44
CA ILE A 19 -0.45 37.13 28.37
C ILE A 19 0.01 38.47 28.93
N LEU A 20 -0.69 38.97 29.96
CA LEU A 20 -0.18 40.13 30.66
C LEU A 20 1.18 39.84 31.28
N MET A 21 1.33 38.64 31.85
CA MET A 21 2.64 38.25 32.37
C MET A 21 3.69 38.25 31.26
N LEU A 22 3.30 37.84 30.05
CA LEU A 22 4.24 37.88 28.92
C LEU A 22 4.65 39.31 28.61
N LEU A 23 3.67 40.19 28.44
CA LEU A 23 4.00 41.56 28.09
C LEU A 23 4.79 42.24 29.19
N PHE A 24 4.71 41.73 30.41
CA PHE A 24 5.56 42.23 31.48
C PHE A 24 6.98 41.67 31.36
N THR A 25 7.10 40.35 31.35
CA THR A 25 8.40 39.72 31.53
C THR A 25 9.26 39.84 30.28
N TRP A 26 8.68 39.61 29.10
CA TRP A 26 9.47 39.62 27.88
C TRP A 26 10.13 40.97 27.65
N LEU A 27 9.40 42.06 27.90
CA LEU A 27 9.93 43.40 27.73
C LEU A 27 10.86 43.71 28.91
N SER A 28 12.01 43.04 28.92
CA SER A 28 12.97 43.22 29.99
C SER A 28 14.35 42.80 29.49
N ARG A 29 15.39 43.26 30.21
CA ARG A 29 16.75 42.93 29.86
C ARG A 29 17.11 41.49 30.20
N LYS A 30 16.22 40.76 30.87
CA LYS A 30 16.46 39.37 31.26
C LYS A 30 15.88 38.41 30.24
N SER A 31 15.99 38.76 28.96
CA SER A 31 15.40 37.97 27.89
C SER A 31 15.86 36.53 27.97
N GLY A 32 17.14 36.29 27.72
CA GLY A 32 17.64 34.94 27.82
C GLY A 32 16.84 34.05 26.91
N ASN A 33 15.95 33.29 27.53
CA ASN A 33 15.16 32.31 26.81
C ASN A 33 13.89 32.87 26.19
N ALA A 34 13.48 34.10 26.53
CA ALA A 34 12.21 34.60 26.01
C ALA A 34 12.27 34.77 24.49
N PRO A 35 13.17 35.59 23.90
CA PRO A 35 13.67 35.25 22.57
C PRO A 35 14.90 34.37 22.67
N ILE A 36 14.85 33.14 22.15
CA ILE A 36 15.89 32.16 22.39
C ILE A 36 16.58 31.71 21.11
N TYR A 37 15.81 31.45 20.05
CA TYR A 37 16.44 30.98 18.82
C TYR A 37 17.38 32.02 18.25
N TYR A 38 16.98 33.29 18.29
CA TYR A 38 17.79 34.34 17.71
C TYR A 38 19.15 34.49 18.40
N PRO A 39 19.24 34.63 19.73
CA PRO A 39 20.57 34.77 20.34
C PRO A 39 21.48 33.59 20.06
N ASN A 40 20.93 32.38 20.01
CA ASN A 40 21.77 31.23 19.73
C ASN A 40 22.27 31.26 18.29
N ARG A 41 21.37 31.50 17.33
CA ARG A 41 21.71 31.34 15.92
C ARG A 41 22.79 32.34 15.49
N ILE A 42 22.47 33.61 15.47
CA ILE A 42 23.39 34.63 15.00
C ILE A 42 23.43 35.79 15.99
N LEU A 43 22.58 35.73 17.00
CA LEU A 43 22.35 36.81 17.95
C LEU A 43 21.79 38.05 17.28
N LYS A 44 21.39 37.94 16.00
CA LYS A 44 20.86 39.09 15.29
C LYS A 44 19.54 39.54 15.89
N GLY A 45 18.62 38.59 16.13
CA GLY A 45 17.34 38.93 16.70
C GLY A 45 17.40 39.30 18.16
N LEU A 46 18.49 38.97 18.83
CA LEU A 46 18.69 39.43 20.20
C LEU A 46 18.62 40.95 20.21
N GLU A 47 17.70 41.49 20.99
CA GLU A 47 17.38 42.91 20.94
C GLU A 47 17.06 43.30 19.51
N PRO A 48 15.89 42.96 19.01
CA PRO A 48 15.60 43.13 17.57
C PRO A 48 15.55 44.59 17.13
N TRP A 49 16.72 45.24 17.13
CA TRP A 49 16.92 46.60 16.66
C TRP A 49 16.28 47.62 17.60
N GLU A 50 15.50 47.14 18.56
CA GLU A 50 14.98 47.97 19.63
C GLU A 50 14.90 47.26 20.97
N GLY A 51 15.35 46.00 21.05
CA GLY A 51 15.19 45.20 22.25
C GLY A 51 13.83 44.57 22.41
N THR A 52 12.92 44.78 21.45
CA THR A 52 11.53 44.35 21.51
C THR A 52 10.77 44.92 22.70
N SER A 53 11.36 45.88 23.42
CA SER A 53 10.75 46.44 24.63
C SER A 53 10.47 47.92 24.51
N LEU A 54 11.44 48.71 24.05
CA LEU A 54 11.23 50.14 23.90
C LEU A 54 10.12 50.44 22.91
N THR A 55 9.81 49.49 22.02
CA THR A 55 8.71 49.66 21.10
C THR A 55 7.37 49.36 21.79
N ARG A 56 6.29 49.71 21.11
CA ARG A 56 4.96 49.42 21.61
C ARG A 56 4.80 47.92 21.79
N ASN A 57 4.68 47.49 23.05
CA ASN A 57 4.75 46.08 23.37
C ASN A 57 3.73 45.24 22.60
N PRO A 58 2.45 45.58 22.54
CA PRO A 58 1.54 44.77 21.71
C PRO A 58 1.95 44.76 20.25
N PHE A 59 2.47 45.88 19.76
CA PHE A 59 2.98 45.93 18.39
C PHE A 59 4.40 45.39 18.31
N ALA A 60 5.07 45.21 19.44
CA ALA A 60 6.46 44.75 19.41
C ALA A 60 6.56 43.34 18.86
N TRP A 61 5.75 42.42 19.38
CA TRP A 61 5.85 41.04 18.94
C TRP A 61 4.82 40.72 17.86
N MET A 62 3.58 41.17 18.03
CA MET A 62 2.53 40.77 17.11
C MET A 62 2.82 41.22 15.70
N ARG A 63 3.30 42.46 15.55
CA ARG A 63 3.57 42.97 14.21
C ARG A 63 4.63 42.13 13.50
N GLU A 64 5.70 41.81 14.21
CA GLU A 64 6.75 41.00 13.61
C GLU A 64 6.21 39.64 13.21
N ALA A 65 5.36 39.05 14.05
CA ALA A 65 4.78 37.75 13.72
C ALA A 65 3.88 37.87 12.50
N LEU A 66 2.99 38.86 12.48
CA LEU A 66 2.00 38.94 11.43
C LEU A 66 2.60 39.32 10.08
N THR A 67 3.86 39.73 10.04
CA THR A 67 4.50 40.12 8.79
C THR A 67 5.55 39.12 8.31
N SER A 68 5.62 37.93 8.90
CA SER A 68 6.59 36.94 8.49
C SER A 68 6.27 36.43 7.09
N SER A 69 7.23 35.75 6.49
CA SER A 69 7.03 35.13 5.19
C SER A 69 7.59 33.71 5.23
N GLU A 70 7.04 32.87 4.36
CA GLU A 70 7.50 31.49 4.29
C GLU A 70 9.01 31.42 4.08
N GLN A 71 9.54 32.30 3.23
CA GLN A 71 10.99 32.34 3.05
C GLN A 71 11.68 32.73 4.35
N ASP A 72 11.12 33.70 5.08
CA ASP A 72 11.73 34.11 6.35
C ASP A 72 11.77 32.94 7.33
N VAL A 73 10.64 32.27 7.51
CA VAL A 73 10.58 31.21 8.49
C VAL A 73 11.51 30.06 8.07
N VAL A 74 11.56 29.76 6.78
CA VAL A 74 12.43 28.69 6.31
C VAL A 74 13.88 29.04 6.59
N ASN A 75 14.28 30.28 6.30
CA ASN A 75 15.66 30.68 6.54
C ASN A 75 15.99 30.62 8.03
N LEU A 76 15.07 31.08 8.89
CA LEU A 76 15.35 31.09 10.32
C LEU A 76 15.30 29.70 10.91
N SER A 77 14.20 28.98 10.68
CA SER A 77 13.97 27.68 11.31
C SER A 77 14.25 26.53 10.35
N GLY A 78 13.57 26.50 9.22
CA GLY A 78 13.75 25.41 8.28
C GLY A 78 12.51 25.23 7.44
N VAL A 79 12.56 24.21 6.59
CA VAL A 79 11.39 23.98 5.76
C VAL A 79 10.28 23.32 6.55
N ASP A 80 10.63 22.60 7.62
CA ASP A 80 9.60 21.82 8.30
C ASP A 80 8.64 22.68 9.09
N THR A 81 9.13 23.69 9.81
CA THR A 81 8.20 24.54 10.52
C THR A 81 7.33 25.32 9.56
N ALA A 82 7.89 25.73 8.42
CA ALA A 82 7.03 26.39 7.44
C ALA A 82 5.97 25.45 6.91
N VAL A 83 6.31 24.16 6.77
CA VAL A 83 5.28 23.21 6.40
C VAL A 83 4.20 23.13 7.48
N HIS A 84 4.62 23.13 8.74
CA HIS A 84 3.63 23.13 9.81
C HIS A 84 2.73 24.36 9.71
N PHE A 85 3.30 25.50 9.35
CA PHE A 85 2.46 26.67 9.19
C PHE A 85 1.50 26.49 8.03
N VAL A 86 1.93 25.79 6.99
CA VAL A 86 0.99 25.51 5.92
C VAL A 86 -0.15 24.67 6.44
N PHE A 87 0.14 23.75 7.34
CA PHE A 87 -0.94 22.98 7.96
C PHE A 87 -1.89 23.90 8.70
N LEU A 88 -1.35 24.80 9.53
CA LEU A 88 -2.22 25.65 10.31
C LEU A 88 -3.04 26.57 9.41
N SER A 89 -2.42 27.14 8.40
CA SER A 89 -3.14 28.03 7.50
C SER A 89 -4.19 27.29 6.70
N THR A 90 -3.88 26.09 6.23
CA THR A 90 -4.86 25.38 5.41
C THR A 90 -5.95 24.73 6.24
N VAL A 91 -5.79 24.63 7.55
CA VAL A 91 -6.96 24.26 8.34
C VAL A 91 -7.73 25.50 8.75
N LEU A 92 -7.04 26.62 8.96
CA LEU A 92 -7.73 27.87 9.20
C LEU A 92 -8.59 28.23 8.01
N GLY A 93 -8.10 27.99 6.81
CA GLY A 93 -8.88 28.28 5.62
C GLY A 93 -10.14 27.44 5.57
N ILE A 94 -10.05 26.15 5.87
CA ILE A 94 -11.23 25.32 5.84
C ILE A 94 -12.24 25.80 6.86
N PHE A 95 -11.78 26.05 8.08
CA PHE A 95 -12.73 26.46 9.12
C PHE A 95 -13.27 27.86 8.87
N ALA A 96 -12.56 28.69 8.10
CA ALA A 96 -12.98 30.07 7.91
C ALA A 96 -13.82 30.25 6.65
N CYS A 97 -13.25 29.95 5.48
CA CYS A 97 -13.93 30.19 4.22
C CYS A 97 -15.28 29.51 4.16
N SER A 98 -15.60 28.66 5.13
CA SER A 98 -16.98 28.25 5.36
C SER A 98 -17.73 29.37 6.09
N SER A 99 -17.77 30.53 5.42
CA SER A 99 -18.52 31.67 5.91
C SER A 99 -20.00 31.57 5.53
N LEU A 100 -20.29 31.23 4.28
CA LEU A 100 -21.68 31.03 3.90
C LEU A 100 -22.14 29.65 4.32
N LEU A 101 -21.83 29.29 5.56
CA LEU A 101 -22.41 28.14 6.23
C LEU A 101 -22.70 28.42 7.68
N LEU A 102 -22.16 29.50 8.24
CA LEU A 102 -22.42 29.87 9.62
C LEU A 102 -23.61 30.82 9.75
N LEU A 103 -23.64 31.87 8.95
CA LEU A 103 -24.77 32.77 9.01
C LEU A 103 -26.03 32.13 8.42
N PRO A 104 -25.98 31.58 7.20
CA PRO A 104 -27.21 30.99 6.63
C PRO A 104 -27.78 29.83 7.43
N THR A 105 -26.96 29.02 8.10
CA THR A 105 -27.51 27.89 8.83
C THR A 105 -28.01 28.26 10.21
N LEU A 106 -27.57 29.38 10.77
CA LEU A 106 -28.16 29.83 12.03
C LEU A 106 -29.51 30.49 11.84
N LEU A 107 -29.82 30.98 10.64
CA LEU A 107 -31.14 31.56 10.41
C LEU A 107 -32.28 30.61 10.74
N PRO A 108 -32.23 29.31 10.39
CA PRO A 108 -33.31 28.41 10.82
C PRO A 108 -33.54 28.39 12.32
N LEU A 109 -32.48 28.52 13.12
CA LEU A 109 -32.61 28.54 14.57
C LEU A 109 -33.48 29.71 15.01
N SER A 138 -41.10 18.92 23.76
CA SER A 138 -40.54 19.06 22.43
C SER A 138 -40.05 20.48 22.20
N MET A 139 -39.00 20.63 21.39
CA MET A 139 -38.42 21.93 21.10
C MET A 139 -38.35 22.12 19.60
N ALA A 140 -38.70 23.32 19.16
CA ALA A 140 -38.62 23.70 17.75
C ALA A 140 -37.20 24.05 17.34
N ASN A 141 -36.19 23.63 18.12
CA ASN A 141 -34.80 23.85 17.75
C ASN A 141 -34.44 23.12 16.47
N ILE A 142 -34.89 21.87 16.32
CA ILE A 142 -34.79 21.12 15.09
C ILE A 142 -36.13 20.45 14.86
N THR A 143 -36.56 20.41 13.59
CA THR A 143 -37.85 19.82 13.24
C THR A 143 -37.62 18.44 12.63
N LYS A 144 -38.46 17.48 13.05
CA LYS A 144 -38.14 16.07 12.84
C LYS A 144 -38.02 15.71 11.37
N LYS A 145 -38.89 16.25 10.54
CA LYS A 145 -38.88 15.92 9.12
C LYS A 145 -39.05 17.17 8.28
N SER A 146 -38.38 18.25 8.68
CA SER A 146 -38.62 19.54 8.08
C SER A 146 -38.14 19.58 6.63
N SER A 147 -38.70 20.53 5.89
CA SER A 147 -38.10 20.93 4.63
C SER A 147 -36.84 21.76 4.83
N ARG A 148 -36.75 22.49 5.95
CA ARG A 148 -35.57 23.30 6.21
C ARG A 148 -34.32 22.45 6.34
N LEU A 149 -34.47 21.19 6.73
CA LEU A 149 -33.30 20.34 6.87
C LEU A 149 -32.64 20.02 5.54
N TRP A 150 -33.29 20.32 4.41
CA TRP A 150 -32.61 20.17 3.14
C TRP A 150 -31.75 21.40 2.89
N ALA A 151 -31.00 21.79 3.91
CA ALA A 151 -29.90 22.73 3.79
C ALA A 151 -28.69 22.28 4.56
N PHE A 152 -28.84 21.42 5.56
CA PHE A 152 -27.67 20.80 6.17
C PHE A 152 -26.89 20.03 5.13
N LEU A 153 -27.58 19.37 4.21
CA LEU A 153 -26.88 18.69 3.14
C LEU A 153 -26.09 19.68 2.29
N GLY A 154 -26.67 20.86 2.04
CA GLY A 154 -25.94 21.87 1.32
C GLY A 154 -24.70 22.33 2.07
N ALA A 155 -24.82 22.50 3.38
CA ALA A 155 -23.66 22.89 4.17
C ALA A 155 -22.60 21.81 4.13
N VAL A 156 -23.02 20.54 4.14
CA VAL A 156 -22.06 19.45 4.10
C VAL A 156 -21.32 19.43 2.77
N TYR A 157 -22.02 19.62 1.66
CA TYR A 157 -21.32 19.79 0.40
C TYR A 157 -20.39 20.99 0.43
N TRP A 158 -20.81 22.11 1.01
CA TRP A 158 -19.93 23.25 1.01
C TRP A 158 -18.65 22.95 1.79
N ILE A 159 -18.79 22.32 2.94
CA ILE A 159 -17.61 21.98 3.75
C ILE A 159 -16.71 21.00 3.01
N SER A 160 -17.29 19.95 2.46
CA SER A 160 -16.47 18.94 1.81
C SER A 160 -15.77 19.52 0.58
N LEU A 161 -16.48 20.34 -0.20
CA LEU A 161 -15.87 20.94 -1.37
C LEU A 161 -14.74 21.88 -0.97
N VAL A 162 -14.96 22.73 0.02
CA VAL A 162 -13.91 23.67 0.37
C VAL A 162 -12.71 22.93 0.93
N THR A 163 -12.94 21.84 1.65
CA THR A 163 -11.81 21.05 2.13
C THR A 163 -11.04 20.44 0.97
N TYR A 164 -11.75 19.91 -0.03
CA TYR A 164 -11.03 19.37 -1.17
C TYR A 164 -10.15 20.45 -1.80
N PHE A 165 -10.72 21.62 -2.02
CA PHE A 165 -9.94 22.66 -2.67
C PHE A 165 -8.74 23.05 -1.83
N PHE A 166 -8.92 23.22 -0.53
CA PHE A 166 -7.78 23.66 0.26
C PHE A 166 -6.73 22.57 0.40
N LEU A 167 -7.14 21.31 0.52
CA LEU A 167 -6.14 20.25 0.59
C LEU A 167 -5.32 20.22 -0.68
N TRP A 168 -5.99 20.33 -1.82
CA TRP A 168 -5.23 20.29 -3.07
C TRP A 168 -4.30 21.48 -3.18
N LYS A 169 -4.76 22.68 -2.84
CA LYS A 169 -3.87 23.83 -2.95
C LYS A 169 -2.68 23.66 -2.02
N ALA A 170 -2.92 23.32 -0.76
CA ALA A 170 -1.83 23.18 0.18
C ALA A 170 -0.88 22.09 -0.22
N TYR A 171 -1.37 21.07 -0.88
CA TYR A 171 -0.56 19.90 -1.14
C TYR A 171 0.09 19.95 -2.51
N LYS A 172 -0.20 20.98 -3.29
CA LYS A 172 0.75 21.47 -4.28
C LYS A 172 1.79 22.38 -3.66
N HIS A 173 1.35 23.26 -2.77
CA HIS A 173 2.28 24.26 -2.26
C HIS A 173 3.40 23.60 -1.47
N VAL A 174 3.08 22.62 -0.64
CA VAL A 174 4.11 21.96 0.16
C VAL A 174 5.05 21.17 -0.73
N SER A 175 4.52 20.53 -1.76
CA SER A 175 5.40 19.82 -2.68
C SER A 175 6.36 20.78 -3.35
N SER A 176 5.87 21.97 -3.70
CA SER A 176 6.77 22.98 -4.23
C SER A 176 7.82 23.37 -3.20
N LEU A 177 7.42 23.54 -1.94
CA LEU A 177 8.40 23.87 -0.91
C LEU A 177 9.44 22.79 -0.77
N ARG A 178 9.01 21.54 -0.79
CA ARG A 178 9.97 20.46 -0.64
C ARG A 178 10.96 20.46 -1.80
N ALA A 179 10.46 20.60 -3.02
CA ALA A 179 11.37 20.60 -4.15
C ALA A 179 12.34 21.77 -4.06
N GLN A 180 11.85 22.95 -3.69
CA GLN A 180 12.74 24.10 -3.62
C GLN A 180 13.78 23.93 -2.52
N ALA A 181 13.37 23.45 -1.36
CA ALA A 181 14.31 23.27 -0.27
C ALA A 181 15.38 22.27 -0.64
N LEU A 182 14.99 21.15 -1.26
CA LEU A 182 15.99 20.18 -1.67
C LEU A 182 16.93 20.76 -2.70
N MET A 183 16.38 21.42 -3.72
CA MET A 183 17.20 21.89 -4.81
C MET A 183 18.21 22.93 -4.34
N SER A 184 17.82 23.77 -3.39
CA SER A 184 18.69 24.85 -2.96
C SER A 184 19.69 24.44 -1.89
N ALA A 185 19.60 23.22 -1.36
CA ALA A 185 20.43 22.85 -0.23
C ALA A 185 21.89 22.73 -0.66
N ASP A 186 22.74 22.37 0.30
CA ASP A 186 24.15 22.15 0.03
C ASP A 186 24.59 20.82 0.61
N VAL A 187 25.89 20.54 0.60
CA VAL A 187 26.37 19.21 0.92
C VAL A 187 25.99 18.83 2.35
N LYS A 188 25.14 17.81 2.47
CA LYS A 188 24.76 17.30 3.78
C LYS A 188 24.99 15.80 3.84
N PRO A 189 25.54 15.32 4.89
CA PRO A 189 26.07 13.95 4.95
C PRO A 189 25.00 12.89 5.13
N GLU A 190 23.90 13.04 4.41
CA GLU A 190 22.98 11.94 4.23
C GLU A 190 22.58 11.78 2.79
N GLN A 191 22.93 12.72 1.94
CA GLN A 191 22.75 12.54 0.51
C GLN A 191 23.74 11.53 -0.06
N PHE A 192 24.62 10.98 0.77
CA PHE A 192 25.64 10.05 0.32
C PHE A 192 25.55 8.69 1.01
N ALA A 193 24.38 8.29 1.50
CA ALA A 193 24.34 7.10 2.33
C ALA A 193 23.01 6.38 2.21
N ILE A 194 23.02 5.11 2.59
CA ILE A 194 21.82 4.29 2.69
C ILE A 194 21.93 3.46 3.97
N LEU A 195 20.99 2.54 4.17
CA LEU A 195 20.84 1.90 5.49
C LEU A 195 20.64 0.40 5.37
N VAL A 196 21.49 -0.30 4.62
CA VAL A 196 21.33 -1.75 4.49
C VAL A 196 21.26 -2.39 5.86
N ARG A 197 20.19 -3.14 6.12
CA ARG A 197 19.91 -3.49 7.51
C ARG A 197 19.40 -4.90 7.73
N ASP A 198 19.64 -5.85 6.83
CA ASP A 198 19.22 -7.21 7.08
C ASP A 198 20.23 -8.20 6.58
N MET A 199 21.49 -7.94 6.83
CA MET A 199 22.55 -8.80 6.31
C MET A 199 22.36 -10.23 6.80
N PRO A 200 22.43 -11.23 5.93
CA PRO A 200 22.51 -12.61 6.41
C PRO A 200 23.84 -12.81 7.12
N ALA A 201 23.77 -13.06 8.42
CA ALA A 201 24.94 -12.94 9.27
C ALA A 201 26.16 -13.68 8.74
N PRO A 202 26.09 -14.94 8.35
CA PRO A 202 27.31 -15.69 8.16
C PRO A 202 27.85 -15.52 6.76
N PRO A 203 29.10 -15.08 6.64
CA PRO A 203 29.91 -15.45 5.48
C PRO A 203 30.64 -16.76 5.70
N ASP A 204 30.68 -17.24 6.95
CA ASP A 204 31.14 -18.53 7.44
C ASP A 204 32.65 -18.68 7.45
N GLY A 205 33.41 -17.70 6.97
CA GLY A 205 34.86 -17.83 7.02
C GLY A 205 35.56 -16.54 7.36
N GLN A 206 34.81 -15.49 7.65
CA GLN A 206 35.39 -14.18 7.90
C GLN A 206 34.40 -13.35 8.70
N THR A 207 34.64 -12.05 8.76
CA THR A 207 33.85 -11.14 9.58
C THR A 207 32.85 -10.38 8.73
N GLN A 208 31.89 -9.75 9.41
CA GLN A 208 30.78 -9.11 8.74
C GLN A 208 31.25 -7.97 7.84
N LYS A 209 32.15 -7.13 8.33
CA LYS A 209 32.51 -5.92 7.59
C LYS A 209 33.14 -6.26 6.26
N GLU A 210 34.03 -7.24 6.25
CA GLU A 210 34.66 -7.57 4.98
C GLU A 210 33.68 -8.28 4.05
N PHE A 211 32.69 -8.98 4.60
CA PHE A 211 31.65 -9.56 3.78
C PHE A 211 30.85 -8.47 3.07
N ILE A 212 30.37 -7.50 3.84
CA ILE A 212 29.55 -6.45 3.25
C ILE A 212 30.35 -5.65 2.25
N ASP A 213 31.59 -5.32 2.58
CA ASP A 213 32.40 -4.57 1.64
C ASP A 213 32.65 -5.36 0.36
N SER A 214 32.95 -6.65 0.47
CA SER A 214 33.19 -7.44 -0.73
C SER A 214 31.95 -7.50 -1.60
N TYR A 215 30.79 -7.69 -0.97
CA TYR A 215 29.54 -7.65 -1.71
C TYR A 215 29.38 -6.34 -2.46
N PHE A 216 29.35 -5.23 -1.73
CA PHE A 216 29.01 -3.97 -2.38
C PHE A 216 30.10 -3.53 -3.35
N ARG A 217 31.31 -4.05 -3.24
CA ARG A 217 32.27 -3.83 -4.31
C ARG A 217 31.96 -4.71 -5.52
N GLU A 218 31.38 -5.88 -5.30
CA GLU A 218 30.97 -6.70 -6.43
C GLU A 218 29.85 -6.04 -7.22
N ILE A 219 28.90 -5.42 -6.53
CA ILE A 219 27.83 -4.74 -7.27
C ILE A 219 28.33 -3.41 -7.82
N TYR A 220 28.66 -2.49 -6.95
CA TYR A 220 29.06 -1.17 -7.40
C TYR A 220 30.57 -1.13 -7.45
N PRO A 221 31.20 -1.13 -8.61
CA PRO A 221 32.64 -0.85 -8.65
C PRO A 221 32.86 0.63 -8.92
N GLU A 222 33.77 1.21 -8.14
CA GLU A 222 34.26 2.58 -8.25
C GLU A 222 33.25 3.61 -7.77
N THR A 223 32.02 3.22 -7.44
CA THR A 223 31.05 4.15 -6.86
C THR A 223 30.56 3.64 -5.51
N PHE A 224 31.45 3.09 -4.71
CA PHE A 224 31.10 2.71 -3.34
C PHE A 224 32.28 3.07 -2.45
N TYR A 225 32.09 3.99 -1.52
CA TYR A 225 33.25 4.55 -0.84
C TYR A 225 33.69 3.69 0.33
N ARG A 226 32.85 3.54 1.35
CA ARG A 226 33.17 2.68 2.49
C ARG A 226 31.95 2.55 3.36
N SER A 227 31.85 1.44 4.08
CA SER A 227 30.64 1.07 4.77
C SER A 227 30.89 0.97 6.27
N LEU A 228 29.91 1.42 7.05
CA LEU A 228 29.96 1.40 8.49
C LEU A 228 28.90 0.44 9.02
N VAL A 229 29.29 -0.49 9.89
CA VAL A 229 28.41 -1.52 10.41
C VAL A 229 28.08 -1.20 11.86
N ALA A 230 26.81 -1.36 12.22
CA ALA A 230 26.42 -1.08 13.59
C ALA A 230 27.04 -2.11 14.54
N THR A 231 26.97 -1.81 15.83
CA THR A 231 27.62 -2.62 16.86
C THR A 231 26.64 -2.92 17.98
N GLU A 232 26.41 -4.21 18.24
CA GLU A 232 25.41 -4.59 19.22
C GLU A 232 25.81 -4.12 20.61
N ASN A 233 27.05 -4.31 20.97
CA ASN A 233 27.38 -3.90 22.32
C ASN A 233 27.55 -2.43 22.45
N SER A 234 27.04 -1.66 21.48
CA SER A 234 27.04 -0.22 21.63
C SER A 234 26.43 0.20 22.96
N LYS A 235 25.67 -0.67 23.62
CA LYS A 235 25.16 -0.35 24.95
C LYS A 235 26.29 -0.04 25.92
N VAL A 236 27.27 -0.95 26.04
CA VAL A 236 28.31 -0.76 27.04
C VAL A 236 29.23 0.40 26.66
N ASN A 237 29.56 0.51 25.37
CA ASN A 237 30.39 1.63 24.95
C ASN A 237 29.69 2.95 25.21
N LYS A 238 28.38 3.01 24.94
CA LYS A 238 27.67 4.25 25.19
C LYS A 238 27.56 4.55 26.68
N ILE A 239 27.40 3.55 27.53
CA ILE A 239 27.34 3.88 28.95
C ILE A 239 28.69 4.36 29.44
N TRP A 240 29.78 3.77 28.93
CA TRP A 240 31.10 4.28 29.29
C TRP A 240 31.27 5.72 28.82
N GLU A 241 30.86 6.02 27.59
CA GLU A 241 31.00 7.38 27.07
C GLU A 241 30.15 8.36 27.86
N LYS A 242 28.94 7.96 28.23
CA LYS A 242 28.08 8.84 29.01
C LYS A 242 28.67 9.11 30.38
N LEU A 243 29.16 8.07 31.06
CA LEU A 243 29.78 8.28 32.36
C LEU A 243 30.99 9.18 32.25
N GLU A 244 31.80 8.98 31.22
CA GLU A 244 32.96 9.85 31.03
C GLU A 244 32.54 11.28 30.79
N GLY A 245 31.52 11.49 29.96
CA GLY A 245 31.05 12.84 29.70
C GLY A 245 30.56 13.51 30.96
N TYR A 246 29.88 12.75 31.82
CA TYR A 246 29.45 13.30 33.10
C TYR A 246 30.65 13.67 33.96
N LYS A 247 31.61 12.76 34.09
CA LYS A 247 32.77 13.02 34.93
C LYS A 247 33.55 14.22 34.43
N LYS A 248 33.48 14.50 33.12
CA LYS A 248 34.17 15.66 32.58
C LYS A 248 33.65 16.97 33.14
N LYS A 249 32.46 16.97 33.75
CA LYS A 249 31.89 18.19 34.32
C LYS A 249 32.59 18.48 35.65
N LEU A 250 33.83 18.94 35.55
CA LEU A 250 34.67 19.23 36.69
C LEU A 250 35.31 20.59 36.56
N ALA A 251 34.50 21.61 36.25
CA ALA A 251 35.04 22.94 36.00
C ALA A 251 35.73 23.51 37.24
N ARG A 252 35.09 23.41 38.41
CA ARG A 252 35.62 23.95 39.64
C ARG A 252 35.99 25.43 39.52
N LEU A 287 34.80 12.79 29.71
CA LEU A 287 35.17 13.18 28.36
C LEU A 287 36.56 13.78 28.35
N ILE A 288 37.07 14.08 29.56
CA ILE A 288 38.40 14.64 29.72
C ILE A 288 39.38 13.66 30.37
N ASN A 289 38.92 12.78 31.26
CA ASN A 289 39.74 11.71 31.83
C ASN A 289 39.00 10.39 31.62
N GLU A 290 39.10 9.85 30.40
CA GLU A 290 38.30 8.69 29.99
C GLU A 290 39.12 7.76 29.11
N SER A 291 40.38 7.52 29.47
CA SER A 291 41.23 6.78 28.57
C SER A 291 40.96 5.28 28.63
N VAL A 292 41.18 4.68 29.79
CA VAL A 292 41.37 3.24 29.88
C VAL A 292 40.12 2.48 29.44
N ALA A 293 39.04 2.62 30.20
CA ALA A 293 37.86 1.81 29.92
C ALA A 293 37.29 2.14 28.55
N LYS A 294 37.11 3.42 28.27
CA LYS A 294 36.51 3.82 27.00
C LYS A 294 37.30 3.27 25.82
N LEU A 295 38.58 3.64 25.72
CA LEU A 295 39.34 3.22 24.56
C LEU A 295 39.49 1.71 24.47
N GLU A 296 39.82 1.05 25.59
CA GLU A 296 40.00 -0.39 25.54
C GLU A 296 38.74 -1.06 25.03
N THR A 297 37.61 -0.81 25.69
CA THR A 297 36.38 -1.48 25.30
C THR A 297 36.00 -1.12 23.88
N GLU A 298 36.04 0.16 23.52
CA GLU A 298 35.61 0.57 22.20
C GLU A 298 36.39 -0.16 21.13
N GLN A 299 37.72 -0.08 21.17
CA GLN A 299 38.49 -0.66 20.08
C GLN A 299 38.36 -2.18 20.06
N LYS A 300 38.50 -2.82 21.23
CA LYS A 300 38.54 -4.28 21.22
C LYS A 300 37.20 -4.86 20.83
N ALA A 301 36.11 -4.22 21.26
CA ALA A 301 34.80 -4.75 20.93
C ALA A 301 34.44 -4.45 19.48
N VAL A 302 34.80 -3.27 18.97
CA VAL A 302 34.52 -2.96 17.58
C VAL A 302 35.19 -3.99 16.68
N LEU A 303 36.46 -4.28 16.95
CA LEU A 303 37.14 -5.26 16.12
C LEU A 303 36.60 -6.67 16.32
N ALA A 304 36.47 -7.12 17.57
CA ALA A 304 36.35 -8.55 17.80
C ALA A 304 34.99 -9.10 17.43
N GLU A 305 33.95 -8.74 18.16
CA GLU A 305 32.62 -9.24 17.84
C GLU A 305 31.58 -8.26 18.37
N LYS A 306 31.22 -7.31 17.53
CA LYS A 306 30.01 -6.53 17.75
C LYS A 306 29.32 -6.34 16.42
N GLN A 307 29.87 -6.89 15.36
CA GLN A 307 29.32 -6.68 14.04
C GLN A 307 27.89 -7.20 14.00
N GLN A 308 26.95 -6.29 13.83
CA GLN A 308 25.54 -6.64 13.74
C GLN A 308 25.17 -6.97 12.31
N THR A 309 23.87 -7.18 12.14
CA THR A 309 23.30 -7.44 10.84
C THR A 309 23.08 -6.18 10.02
N ALA A 310 23.34 -4.99 10.55
CA ALA A 310 22.95 -3.77 9.87
C ALA A 310 24.14 -2.85 9.69
N ALA A 311 24.06 -2.03 8.65
CA ALA A 311 25.20 -1.19 8.33
C ALA A 311 24.74 0.00 7.53
N VAL A 312 25.60 1.01 7.47
CA VAL A 312 25.38 2.19 6.66
C VAL A 312 26.51 2.25 5.65
N VAL A 313 26.17 2.34 4.37
CA VAL A 313 27.22 2.40 3.36
C VAL A 313 27.25 3.82 2.81
N PHE A 314 28.31 4.11 2.05
CA PHE A 314 28.53 5.46 1.55
C PHE A 314 28.93 5.41 0.10
N PHE A 315 28.11 5.99 -0.76
CA PHE A 315 28.37 6.04 -2.19
C PHE A 315 29.11 7.31 -2.56
N THR A 316 29.79 7.27 -3.69
CA THR A 316 30.65 8.38 -4.07
C THR A 316 29.85 9.65 -4.31
N THR A 317 28.74 9.57 -5.02
CA THR A 317 28.08 10.75 -5.54
C THR A 317 26.58 10.66 -5.34
N ARG A 318 25.95 11.83 -5.23
CA ARG A 318 24.56 11.91 -4.80
C ARG A 318 23.66 11.10 -5.71
N VAL A 319 23.90 11.13 -7.01
CA VAL A 319 23.06 10.38 -7.94
C VAL A 319 23.13 8.90 -7.63
N ALA A 320 24.33 8.38 -7.37
CA ALA A 320 24.46 6.95 -7.10
C ALA A 320 23.74 6.59 -5.81
N ALA A 321 23.88 7.41 -4.78
CA ALA A 321 23.24 7.11 -3.51
C ALA A 321 21.73 7.12 -3.65
N ALA A 322 21.18 8.12 -4.33
CA ALA A 322 19.73 8.16 -4.49
C ALA A 322 19.25 6.97 -5.29
N SER A 323 19.94 6.63 -6.37
CA SER A 323 19.51 5.52 -7.21
C SER A 323 19.60 4.20 -6.47
N ALA A 324 20.64 4.02 -5.66
CA ALA A 324 20.71 2.81 -4.86
C ALA A 324 19.59 2.77 -3.84
N ALA A 325 19.42 3.87 -3.10
CA ALA A 325 18.47 3.85 -2.00
C ALA A 325 17.07 3.54 -2.49
N GLN A 326 16.66 4.14 -3.60
CA GLN A 326 15.31 3.84 -4.04
C GLN A 326 15.16 2.42 -4.56
N SER A 327 16.23 1.65 -4.62
CA SER A 327 16.20 0.35 -5.25
C SER A 327 16.13 -0.78 -4.23
N LEU A 328 16.25 -2.01 -4.71
CA LEU A 328 16.43 -3.18 -3.85
C LEU A 328 17.77 -3.82 -4.21
N HIS A 329 18.13 -4.90 -3.51
CA HIS A 329 19.45 -5.46 -3.72
C HIS A 329 19.57 -6.97 -3.75
N CYS A 330 18.54 -7.74 -3.39
CA CYS A 330 18.62 -9.19 -3.49
C CYS A 330 17.27 -9.75 -3.91
N GLN A 331 17.25 -10.57 -4.96
CA GLN A 331 15.99 -10.98 -5.57
C GLN A 331 15.07 -11.66 -4.58
N MET A 332 15.56 -12.01 -3.40
CA MET A 332 14.72 -12.41 -2.28
C MET A 332 14.67 -11.22 -1.33
N VAL A 333 13.50 -10.62 -1.16
CA VAL A 333 13.38 -9.45 -0.29
C VAL A 333 13.04 -9.96 1.11
N ASP A 334 14.05 -10.49 1.76
CA ASP A 334 13.99 -10.80 3.19
C ASP A 334 15.35 -10.58 3.80
N LYS A 335 16.20 -9.79 3.15
CA LYS A 335 17.64 -9.84 3.28
C LYS A 335 18.15 -8.43 3.06
N TRP A 336 19.36 -8.30 2.54
CA TRP A 336 19.80 -7.03 1.98
C TRP A 336 18.65 -6.21 1.47
N THR A 337 18.47 -5.08 2.13
CA THR A 337 17.31 -4.23 2.00
C THR A 337 17.78 -2.82 2.27
N VAL A 338 17.31 -1.88 1.49
CA VAL A 338 17.93 -0.58 1.45
C VAL A 338 16.88 0.49 1.68
N THR A 339 17.16 1.40 2.59
CA THR A 339 16.31 2.56 2.78
C THR A 339 17.20 3.77 2.90
N GLU A 340 16.68 4.94 2.56
CA GLU A 340 17.49 6.13 2.56
C GLU A 340 17.97 6.42 3.98
N ALA A 341 19.26 6.60 4.12
CA ALA A 341 19.83 6.78 5.45
C ALA A 341 19.31 8.07 6.06
N PRO A 342 18.94 8.06 7.29
CA PRO A 342 18.45 9.29 7.90
C PRO A 342 19.58 10.25 8.18
N GLU A 343 19.25 11.38 8.77
CA GLU A 343 20.26 12.33 9.19
C GLU A 343 21.18 11.67 10.21
N PRO A 344 22.40 12.17 10.36
CA PRO A 344 23.29 11.59 11.38
C PRO A 344 22.68 11.60 12.76
N ARG A 345 21.93 12.63 13.10
CA ARG A 345 21.38 12.76 14.44
C ARG A 345 20.00 12.16 14.56
N GLN A 346 19.49 11.55 13.51
CA GLN A 346 18.14 11.00 13.58
C GLN A 346 18.10 9.49 13.70
N LEU A 347 18.99 8.75 13.04
CA LEU A 347 18.85 7.31 13.06
C LEU A 347 19.17 6.77 14.44
N LEU A 348 18.50 5.69 14.80
CA LEU A 348 18.59 5.12 16.14
C LEU A 348 19.44 3.87 16.05
N TRP A 349 20.68 3.96 16.53
CA TRP A 349 21.55 2.79 16.50
C TRP A 349 21.02 1.68 17.38
N GLN A 350 20.08 1.98 18.28
CA GLN A 350 19.53 0.98 19.16
C GLN A 350 18.59 0.01 18.44
N ASN A 351 18.20 0.32 17.22
CA ASN A 351 17.10 -0.39 16.59
C ASN A 351 17.45 -0.96 15.22
N LEU A 352 18.66 -0.73 14.73
CA LEU A 352 19.01 -1.26 13.44
C LEU A 352 19.15 -2.78 13.45
N ASN A 353 19.24 -3.38 14.63
CA ASN A 353 19.52 -4.80 14.73
C ASN A 353 18.39 -5.64 14.14
N ILE A 354 17.14 -5.24 14.41
CA ILE A 354 15.99 -6.11 14.15
C ILE A 354 15.94 -6.55 12.71
N LYS A 355 15.60 -7.82 12.49
CA LYS A 355 15.41 -8.36 11.16
C LYS A 355 14.01 -7.95 10.67
N LEU A 356 13.53 -8.60 9.62
CA LEU A 356 12.23 -8.21 9.05
C LEU A 356 11.07 -8.89 9.75
N PHE A 357 11.03 -10.23 9.70
CA PHE A 357 9.90 -10.94 10.27
C PHE A 357 9.76 -10.63 11.75
N SER A 358 10.89 -10.44 12.45
CA SER A 358 10.81 -10.05 13.84
C SER A 358 10.16 -8.67 13.99
N ARG A 359 10.51 -7.74 13.10
CA ARG A 359 9.89 -6.43 13.16
C ARG A 359 8.39 -6.51 12.91
N ILE A 360 7.97 -7.35 11.97
CA ILE A 360 6.54 -7.50 11.72
C ILE A 360 5.83 -8.02 12.95
N ILE A 361 6.41 -9.03 13.60
CA ILE A 361 5.80 -9.58 14.80
C ILE A 361 5.65 -8.49 15.85
N ARG A 362 6.72 -7.75 16.08
CA ARG A 362 6.66 -6.71 17.10
C ARG A 362 5.61 -5.68 16.75
N GLN A 363 5.50 -5.31 15.47
CA GLN A 363 4.56 -4.29 15.07
C GLN A 363 3.12 -4.72 15.33
N TYR A 364 2.77 -5.94 14.94
CA TYR A 364 1.40 -6.38 15.15
C TYR A 364 1.08 -6.57 16.62
N PHE A 365 2.04 -7.07 17.41
CA PHE A 365 1.79 -7.16 18.85
C PHE A 365 1.58 -5.77 19.45
N ILE A 366 2.34 -4.79 18.97
CA ILE A 366 2.18 -3.42 19.47
C ILE A 366 0.80 -2.88 19.14
N TYR A 367 0.35 -3.09 17.91
CA TYR A 367 -0.95 -2.55 17.53
C TYR A 367 -2.08 -3.24 18.29
N PHE A 368 -1.97 -4.55 18.51
CA PHE A 368 -2.96 -5.21 19.35
C PHE A 368 -2.94 -4.62 20.76
N PHE A 369 -1.75 -4.32 21.27
CA PHE A 369 -1.68 -3.69 22.58
C PHE A 369 -2.39 -2.36 22.60
N VAL A 370 -2.21 -1.54 21.56
CA VAL A 370 -2.83 -0.22 21.65
C VAL A 370 -4.33 -0.32 21.47
N ALA A 371 -4.81 -1.28 20.68
CA ALA A 371 -6.25 -1.49 20.62
C ALA A 371 -6.80 -1.86 21.99
N VAL A 372 -6.10 -2.76 22.69
CA VAL A 372 -6.48 -3.06 24.06
C VAL A 372 -6.42 -1.82 24.91
N THR A 373 -5.50 -0.90 24.60
CA THR A 373 -5.38 0.32 25.37
C THR A 373 -6.62 1.18 25.25
N ILE A 374 -7.09 1.45 24.03
CA ILE A 374 -8.33 2.23 23.90
C ILE A 374 -9.50 1.52 24.57
N LEU A 375 -9.66 0.22 24.30
CA LEU A 375 -10.81 -0.47 24.87
C LEU A 375 -10.77 -0.43 26.39
N PHE A 376 -9.79 -1.09 27.01
CA PHE A 376 -9.72 -1.13 28.47
C PHE A 376 -9.46 0.23 29.08
N TYR A 377 -9.09 1.22 28.27
CA TYR A 377 -9.16 2.60 28.69
C TYR A 377 -10.58 3.01 29.00
N MET A 378 -11.49 2.79 28.06
CA MET A 378 -12.86 3.23 28.33
C MET A 378 -13.58 2.12 29.10
N ILE A 379 -12.88 1.61 30.12
CA ILE A 379 -13.13 0.38 30.90
C ILE A 379 -12.22 0.60 32.11
N PRO A 380 -11.92 -0.39 32.97
CA PRO A 380 -11.76 -0.08 34.41
C PRO A 380 -10.69 0.94 34.71
N ILE A 381 -9.69 1.11 33.83
CA ILE A 381 -8.63 2.06 34.12
C ILE A 381 -9.21 3.46 34.27
N ALA A 382 -9.79 3.99 33.20
CA ALA A 382 -10.43 5.28 33.30
C ALA A 382 -11.68 5.21 34.16
N PHE A 383 -12.29 4.03 34.29
CA PHE A 383 -13.44 3.91 35.18
C PHE A 383 -13.06 4.25 36.63
N VAL A 384 -11.97 3.65 37.13
CA VAL A 384 -11.51 3.93 38.48
C VAL A 384 -10.82 5.29 38.56
N SER A 385 -10.32 5.81 37.44
CA SER A 385 -9.90 7.20 37.43
C SER A 385 -11.07 8.11 37.74
N ALA A 386 -12.22 7.84 37.12
CA ALA A 386 -13.44 8.56 37.49
C ALA A 386 -13.84 8.28 38.93
N ILE A 387 -13.62 7.05 39.39
CA ILE A 387 -13.87 6.72 40.80
C ILE A 387 -13.00 7.57 41.71
N THR A 388 -11.79 7.91 41.26
CA THR A 388 -10.89 8.70 42.08
C THR A 388 -11.40 10.14 42.14
N THR A 389 -12.52 10.34 42.84
CA THR A 389 -13.15 11.64 42.93
C THR A 389 -12.68 12.42 44.14
N LEU A 390 -12.43 11.73 45.26
CA LEU A 390 -11.97 12.35 46.50
C LEU A 390 -12.97 13.42 46.95
N LYS A 391 -14.13 12.91 47.36
CA LYS A 391 -15.26 13.74 47.77
C LYS A 391 -14.83 14.79 48.79
N ASN A 392 -15.62 15.87 48.85
CA ASN A 392 -15.49 17.01 49.75
C ASN A 392 -14.03 17.31 50.07
N LEU A 393 -13.21 17.39 49.03
CA LEU A 393 -11.78 17.68 49.13
C LEU A 393 -11.09 16.77 50.16
N GLN A 394 -11.37 15.48 50.03
CA GLN A 394 -10.72 14.42 50.80
C GLN A 394 -10.96 14.55 52.30
N ARG A 395 -12.09 15.13 52.70
CA ARG A 395 -12.52 15.15 54.09
C ARG A 395 -11.56 15.91 55.00
N ILE A 396 -10.77 16.81 54.42
CA ILE A 396 -9.84 17.63 55.19
C ILE A 396 -10.35 19.06 55.24
N ILE A 397 -11.67 19.22 55.16
CA ILE A 397 -12.31 20.53 55.16
C ILE A 397 -11.97 21.38 56.39
N PRO A 398 -11.61 20.81 57.56
CA PRO A 398 -11.06 21.69 58.60
C PRO A 398 -9.79 22.41 58.18
N PHE A 399 -8.96 21.76 57.36
CA PHE A 399 -7.72 22.37 56.90
C PHE A 399 -7.96 23.39 55.79
N ILE A 400 -9.17 23.49 55.28
CA ILE A 400 -9.49 24.34 54.13
C ILE A 400 -10.42 25.46 54.60
N LYS A 401 -10.00 26.70 54.37
CA LYS A 401 -10.78 27.89 54.65
C LYS A 401 -11.88 28.12 53.61
N PRO A 402 -11.64 27.86 52.30
CA PRO A 402 -12.72 27.98 51.32
C PRO A 402 -13.88 27.00 51.54
N VAL A 403 -13.84 26.22 52.62
CA VAL A 403 -14.96 25.36 52.98
C VAL A 403 -16.26 26.14 53.15
N VAL A 404 -16.19 27.47 53.30
CA VAL A 404 -17.36 28.32 53.41
C VAL A 404 -18.29 28.19 52.20
N GLU A 405 -17.77 27.68 51.09
CA GLU A 405 -18.53 27.38 49.87
C GLU A 405 -19.12 28.62 49.21
N ILE A 406 -18.65 29.82 49.57
CA ILE A 406 -18.96 30.99 48.76
C ILE A 406 -18.33 30.83 47.38
N THR A 407 -17.33 29.97 47.27
CA THR A 407 -16.68 29.62 46.02
C THR A 407 -17.26 28.35 45.40
N ALA A 408 -18.57 28.15 45.51
CA ALA A 408 -19.26 26.93 45.08
C ALA A 408 -18.89 26.52 43.65
N ILE A 409 -18.26 27.42 42.90
CA ILE A 409 -17.64 27.07 41.64
C ILE A 409 -16.58 25.98 41.83
N ARG A 410 -16.11 25.79 43.07
CA ARG A 410 -15.15 24.75 43.40
C ARG A 410 -15.74 23.36 43.15
N THR A 411 -17.07 23.30 43.00
CA THR A 411 -17.71 22.02 42.68
C THR A 411 -17.19 21.47 41.35
N VAL A 412 -17.01 22.34 40.35
CA VAL A 412 -16.50 21.87 39.08
C VAL A 412 -15.08 21.35 39.23
N LEU A 413 -14.27 22.01 40.06
CA LEU A 413 -12.90 21.55 40.27
C LEU A 413 -12.88 20.20 40.95
N GLU A 414 -13.74 20.00 41.95
CA GLU A 414 -13.81 18.71 42.62
C GLU A 414 -14.27 17.63 41.65
N SER A 415 -15.12 17.99 40.69
CA SER A 415 -15.55 17.02 39.68
C SER A 415 -14.45 16.73 38.66
N PHE A 416 -13.61 17.73 38.36
CA PHE A 416 -12.50 17.48 37.44
C PHE A 416 -11.27 16.91 38.11
N LEU A 417 -11.28 16.72 39.43
CA LEU A 417 -10.20 15.97 40.07
C LEU A 417 -10.04 14.56 39.48
N PRO A 418 -11.10 13.74 39.32
CA PRO A 418 -10.93 12.53 38.49
C PRO A 418 -10.51 12.87 37.08
N GLN A 419 -11.06 13.96 36.53
CA GLN A 419 -10.60 14.42 35.23
C GLN A 419 -9.16 14.92 35.30
N ILE A 420 -8.69 15.29 36.48
CA ILE A 420 -7.28 15.60 36.65
C ILE A 420 -6.44 14.34 36.53
N ALA A 421 -6.91 13.23 37.10
CA ALA A 421 -6.22 11.96 36.89
C ALA A 421 -6.22 11.58 35.40
N LEU A 422 -7.36 11.81 34.74
CA LEU A 422 -7.42 11.59 33.30
C LEU A 422 -6.42 12.49 32.57
N ILE A 423 -6.26 13.73 33.06
CA ILE A 423 -5.24 14.63 32.52
C ILE A 423 -3.87 14.02 32.67
N VAL A 424 -3.62 13.39 33.82
CA VAL A 424 -2.33 12.75 34.04
C VAL A 424 -2.09 11.67 32.99
N PHE A 425 -3.11 10.84 32.75
CA PHE A 425 -2.93 9.80 31.74
C PHE A 425 -2.75 10.39 30.35
N LEU A 426 -3.50 11.43 30.02
CA LEU A 426 -3.39 12.01 28.68
C LEU A 426 -2.06 12.72 28.50
N ALA A 427 -1.46 13.20 29.59
CA ALA A 427 -0.13 13.78 29.50
C ALA A 427 0.94 12.71 29.38
N MET A 428 0.74 11.55 30.00
CA MET A 428 1.68 10.46 29.82
C MET A 428 1.55 9.83 28.44
N LEU A 429 0.37 9.90 27.83
CA LEU A 429 0.16 9.21 26.56
C LEU A 429 1.18 9.52 25.49
N PRO A 430 1.56 10.79 25.24
CA PRO A 430 2.54 11.02 24.18
C PRO A 430 3.85 10.27 24.42
N LYS A 431 4.31 10.20 25.66
CA LYS A 431 5.53 9.44 25.93
C LYS A 431 5.27 7.95 25.84
N LEU A 432 4.11 7.49 26.30
CA LEU A 432 3.82 6.06 26.28
C LEU A 432 3.77 5.54 24.86
N LEU A 433 3.14 6.29 23.94
CA LEU A 433 3.08 5.88 22.56
C LEU A 433 4.45 5.91 21.90
N LEU A 434 5.16 7.02 22.05
CA LEU A 434 6.42 7.18 21.33
C LEU A 434 7.39 6.07 21.69
N PHE A 435 7.35 5.58 22.93
CA PHE A 435 8.23 4.48 23.30
C PHE A 435 7.91 3.21 22.51
N LEU A 436 6.63 2.89 22.35
CA LEU A 436 6.27 1.71 21.60
C LEU A 436 6.82 1.78 20.18
N SER A 437 6.52 2.86 19.47
CA SER A 437 6.89 2.94 18.07
C SER A 437 8.40 2.90 17.91
N LYS A 438 9.14 3.56 18.79
CA LYS A 438 10.60 3.47 18.71
C LYS A 438 11.06 2.04 18.94
N ALA A 439 10.30 1.26 19.69
CA ALA A 439 10.62 -0.15 19.88
C ALA A 439 9.87 -1.06 18.92
N GLU A 440 9.90 -0.73 17.64
CA GLU A 440 9.24 -1.57 16.65
C GLU A 440 10.04 -1.60 15.36
N GLY A 441 11.35 -1.47 15.47
CA GLY A 441 12.18 -1.48 14.29
C GLY A 441 12.01 -0.28 13.39
N ILE A 442 11.73 0.88 13.97
CA ILE A 442 11.61 2.12 13.20
C ILE A 442 13.00 2.74 13.10
N PRO A 443 13.62 2.72 11.97
CA PRO A 443 15.04 3.04 11.87
C PRO A 443 15.30 4.52 11.67
N SER A 444 14.64 5.35 12.45
CA SER A 444 14.91 6.79 12.40
C SER A 444 14.21 7.43 13.58
N GLN A 445 14.29 8.74 13.63
CA GLN A 445 13.56 9.53 14.60
C GLN A 445 12.31 10.16 14.02
N SER A 446 12.41 10.68 12.79
CA SER A 446 11.25 11.28 12.17
C SER A 446 10.15 10.26 11.95
N HIS A 447 10.51 9.07 11.47
CA HIS A 447 9.49 8.07 11.24
C HIS A 447 8.85 7.63 12.56
N ALA A 448 9.64 7.53 13.61
CA ALA A 448 9.07 7.18 14.90
C ALA A 448 8.11 8.26 15.38
N ILE A 449 8.49 9.52 15.23
CA ILE A 449 7.61 10.61 15.66
C ILE A 449 6.31 10.58 14.88
N ARG A 450 6.40 10.36 13.57
CA ARG A 450 5.19 10.31 12.76
C ARG A 450 4.30 9.15 13.21
N ALA A 451 4.90 8.00 13.50
CA ALA A 451 4.09 6.88 13.96
C ALA A 451 3.43 7.19 15.30
N ALA A 452 4.14 7.90 16.17
CA ALA A 452 3.52 8.28 17.43
C ALA A 452 2.34 9.19 17.20
N SER A 453 2.47 10.11 16.24
CA SER A 453 1.31 10.96 15.91
C SER A 453 0.14 10.13 15.42
N GLY A 454 0.42 9.13 14.58
CA GLY A 454 -0.66 8.30 14.09
C GLY A 454 -1.36 7.54 15.20
N LYS A 455 -0.59 6.92 16.09
CA LYS A 455 -1.20 6.20 17.19
C LYS A 455 -2.02 7.14 18.05
N TYR A 456 -1.48 8.32 18.35
CA TYR A 456 -2.22 9.26 19.17
C TYR A 456 -3.51 9.69 18.49
N PHE A 457 -3.49 9.79 17.17
CA PHE A 457 -4.70 10.25 16.49
C PHE A 457 -5.78 9.18 16.52
N TYR A 458 -5.42 7.93 16.27
CA TYR A 458 -6.43 6.89 16.44
C TYR A 458 -6.98 6.89 17.86
N PHE A 459 -6.10 7.04 18.85
CA PHE A 459 -6.59 7.08 20.22
C PHE A 459 -7.54 8.23 20.41
N SER A 460 -7.22 9.40 19.86
CA SER A 460 -8.07 10.58 20.04
C SER A 460 -9.43 10.37 19.42
N VAL A 461 -9.48 9.81 18.21
CA VAL A 461 -10.78 9.62 17.58
C VAL A 461 -11.60 8.59 18.36
N PHE A 462 -11.10 7.36 18.49
CA PHE A 462 -11.91 6.36 19.19
C PHE A 462 -12.05 6.63 20.68
N ASN A 463 -11.46 7.69 21.20
CA ASN A 463 -11.78 8.14 22.54
C ASN A 463 -12.84 9.22 22.55
N VAL A 464 -12.52 10.39 22.01
CA VAL A 464 -13.41 11.53 22.16
C VAL A 464 -14.64 11.36 21.28
N PHE A 465 -14.42 10.98 20.02
CA PHE A 465 -15.49 10.92 19.04
C PHE A 465 -16.44 9.73 19.19
N ILE A 466 -15.92 8.53 18.92
CA ILE A 466 -16.78 7.47 18.40
C ILE A 466 -17.80 7.05 19.45
N GLY A 467 -17.39 6.99 20.72
CA GLY A 467 -18.32 6.60 21.76
C GLY A 467 -19.59 7.43 21.74
N VAL A 468 -19.48 8.72 22.07
CA VAL A 468 -20.65 9.57 22.18
C VAL A 468 -21.35 9.72 20.83
N THR A 469 -20.56 9.91 19.76
CA THR A 469 -21.19 10.23 18.48
C THR A 469 -21.95 9.04 17.91
N LEU A 470 -21.34 7.85 17.94
CA LEU A 470 -22.05 6.67 17.48
C LEU A 470 -23.22 6.33 18.41
N ALA A 471 -23.06 6.50 19.71
CA ALA A 471 -24.19 6.24 20.61
C ALA A 471 -25.37 7.14 20.26
N GLY A 472 -25.12 8.43 20.06
CA GLY A 472 -26.19 9.34 19.68
C GLY A 472 -26.81 9.01 18.34
N THR A 473 -25.97 8.79 17.33
CA THR A 473 -26.48 8.59 15.97
C THR A 473 -27.17 7.23 15.84
N LEU A 474 -26.89 6.30 16.76
CA LEU A 474 -27.50 4.98 16.67
C LEU A 474 -28.75 4.89 17.54
N PHE A 475 -28.61 5.16 18.85
CA PHE A 475 -29.76 5.09 19.74
C PHE A 475 -30.78 6.17 19.43
N ASN A 476 -30.34 7.29 18.85
CA ASN A 476 -31.25 8.38 18.53
C ASN A 476 -32.21 8.02 17.40
N THR A 477 -31.91 6.96 16.64
CA THR A 477 -32.76 6.51 15.54
C THR A 477 -34.12 6.06 16.05
N ASP A 488 -21.56 -10.72 32.07
CA ASP A 488 -20.62 -10.70 33.17
C ASP A 488 -19.86 -9.37 33.24
N MET A 489 -18.53 -9.45 33.38
CA MET A 489 -17.71 -8.24 33.49
C MET A 489 -17.79 -7.41 32.21
N ILE A 490 -17.85 -8.06 31.06
CA ILE A 490 -17.94 -7.34 29.80
C ILE A 490 -19.23 -6.53 29.74
N ILE A 491 -20.33 -7.12 30.17
CA ILE A 491 -21.64 -6.48 30.02
C ILE A 491 -21.70 -5.19 30.84
N ASN A 492 -21.37 -5.26 32.12
CA ASN A 492 -21.45 -4.06 32.95
C ASN A 492 -20.30 -3.11 32.66
N LEU A 493 -19.17 -3.62 32.17
CA LEU A 493 -18.10 -2.73 31.72
C LEU A 493 -18.57 -1.87 30.56
N LEU A 494 -19.23 -2.48 29.58
CA LEU A 494 -19.80 -1.72 28.46
C LEU A 494 -20.92 -0.81 28.94
N ALA A 495 -21.71 -1.27 29.92
CA ALA A 495 -22.79 -0.45 30.44
C ALA A 495 -22.26 0.83 31.08
N THR A 496 -21.22 0.73 31.90
CA THR A 496 -20.58 1.90 32.48
C THR A 496 -19.78 2.68 31.45
N SER A 497 -19.44 2.05 30.32
CA SER A 497 -18.67 2.71 29.30
C SER A 497 -19.45 3.86 28.66
N LEU A 498 -20.74 3.68 28.45
CA LEU A 498 -21.54 4.71 27.80
C LEU A 498 -21.57 6.02 28.58
N PRO A 499 -21.89 6.05 29.89
CA PRO A 499 -21.72 7.30 30.63
C PRO A 499 -20.27 7.75 30.67
N LYS A 500 -19.34 6.79 30.68
CA LYS A 500 -17.93 7.14 30.64
C LYS A 500 -17.59 7.92 29.38
N SER A 501 -18.19 7.55 28.25
CA SER A 501 -17.95 8.29 27.01
C SER A 501 -18.45 9.72 27.11
N ALA A 502 -19.64 9.94 27.69
CA ALA A 502 -20.17 11.29 27.81
C ALA A 502 -19.33 12.13 28.76
N THR A 503 -18.92 11.55 29.90
CA THR A 503 -18.05 12.27 30.83
C THR A 503 -16.72 12.59 30.16
N PHE A 504 -16.20 11.66 29.36
CA PHE A 504 -14.98 11.93 28.61
C PHE A 504 -15.17 13.09 27.66
N PHE A 505 -16.29 13.12 26.93
CA PHE A 505 -16.52 14.20 25.98
C PHE A 505 -16.58 15.55 26.68
N LEU A 506 -17.33 15.61 27.79
CA LEU A 506 -17.45 16.87 28.51
C LEU A 506 -16.11 17.32 29.05
N THR A 507 -15.42 16.44 29.78
CA THR A 507 -14.10 16.80 30.28
C THR A 507 -13.11 17.05 29.17
N TYR A 508 -13.31 16.48 27.98
CA TYR A 508 -12.39 16.75 26.90
C TYR A 508 -12.57 18.15 26.36
N VAL A 509 -13.80 18.58 26.16
CA VAL A 509 -14.01 19.99 25.80
C VAL A 509 -13.42 20.88 26.89
N ALA A 510 -13.53 20.44 28.14
CA ALA A 510 -12.80 21.11 29.22
C ALA A 510 -11.30 21.12 28.96
N LEU A 511 -10.76 20.00 28.45
CA LEU A 511 -9.36 20.00 28.04
C LEU A 511 -9.09 21.03 26.95
N LYS A 512 -10.06 21.28 26.09
CA LYS A 512 -9.85 22.29 25.05
C LYS A 512 -9.73 23.69 25.65
N PHE A 513 -10.55 24.00 26.64
CA PHE A 513 -10.31 25.26 27.34
C PHE A 513 -8.98 25.23 28.10
N PHE A 514 -8.61 24.06 28.61
CA PHE A 514 -7.26 23.89 29.12
C PHE A 514 -6.23 24.10 28.01
N ILE A 515 -6.61 23.88 26.75
CA ILE A 515 -5.69 24.12 25.63
C ILE A 515 -5.48 25.60 25.41
N GLY A 516 -6.54 26.39 25.55
CA GLY A 516 -6.33 27.83 25.57
C GLY A 516 -5.36 28.24 26.67
N TYR A 517 -5.62 27.75 27.88
CA TYR A 517 -4.70 28.00 28.99
C TYR A 517 -3.29 27.50 28.67
N GLY A 518 -3.18 26.43 27.90
CA GLY A 518 -1.88 25.87 27.59
C GLY A 518 -1.12 26.66 26.55
N LEU A 519 -1.82 27.27 25.59
CA LEU A 519 -1.13 28.19 24.70
C LEU A 519 -0.49 29.31 25.52
N GLU A 520 -1.23 29.83 26.49
CA GLU A 520 -0.63 30.83 27.36
C GLU A 520 0.56 30.26 28.15
N LEU A 521 0.41 29.04 28.65
CA LEU A 521 1.47 28.42 29.43
C LEU A 521 2.73 28.27 28.60
N SER A 522 2.57 27.93 27.32
CA SER A 522 3.67 27.92 26.37
C SER A 522 4.26 29.30 26.20
N ARG A 523 3.45 30.33 26.34
CA ARG A 523 4.02 31.67 26.28
C ARG A 523 5.01 31.91 27.43
N ILE A 524 4.71 31.45 28.65
CA ILE A 524 5.48 31.90 29.83
C ILE A 524 6.47 30.86 30.39
N ILE A 525 5.98 29.67 30.80
CA ILE A 525 6.49 29.03 32.04
C ILE A 525 7.97 28.64 32.08
N PRO A 526 8.56 28.00 31.05
CA PRO A 526 9.93 27.53 31.26
C PRO A 526 10.91 28.66 31.45
N LEU A 527 10.49 29.90 31.23
CA LEU A 527 11.26 31.05 31.69
C LEU A 527 11.44 30.99 33.20
N ILE A 528 10.36 30.75 33.94
CA ILE A 528 10.50 30.70 35.39
C ILE A 528 11.34 29.51 35.80
N ILE A 529 11.11 28.35 35.17
CA ILE A 529 11.94 27.20 35.57
C ILE A 529 13.41 27.46 35.29
N PHE A 530 13.73 28.02 34.13
CA PHE A 530 15.12 28.27 33.79
C PHE A 530 15.73 29.31 34.71
N HIS A 531 15.01 30.38 34.98
CA HIS A 531 15.57 31.45 35.81
C HIS A 531 15.77 30.98 37.24
N LEU A 532 15.02 29.97 37.68
CA LEU A 532 15.30 29.38 38.98
C LEU A 532 16.68 28.74 39.01
N LYS A 533 17.15 28.22 37.87
CA LYS A 533 18.40 27.47 37.88
C LYS A 533 19.61 28.38 38.08
N LYS A 534 19.56 29.61 37.56
CA LYS A 534 20.71 30.50 37.71
C LYS A 534 21.00 30.83 39.17
N LYS A 535 20.04 30.64 40.07
CA LYS A 535 20.25 30.96 41.49
C LYS A 535 20.10 29.74 42.39
N TYR A 536 19.06 28.94 42.20
CA TYR A 536 18.84 27.81 43.09
C TYR A 536 19.97 26.79 43.00
N LEU A 537 20.42 26.48 41.78
CA LEU A 537 21.52 25.53 41.64
C LEU A 537 22.85 26.21 41.89
N CYS A 538 23.22 27.16 41.03
CA CYS A 538 24.38 28.03 41.17
C CYS A 538 25.63 27.29 41.67
N LYS A 539 25.79 26.02 41.27
CA LYS A 539 26.87 25.22 41.84
C LYS A 539 28.17 25.44 41.07
N THR A 540 28.20 25.04 39.80
CA THR A 540 29.42 25.14 39.00
C THR A 540 29.11 25.61 37.58
N GLU A 541 28.07 26.43 37.43
CA GLU A 541 27.60 26.81 36.10
C GLU A 541 28.67 27.55 35.32
N ALA A 542 29.38 28.46 35.98
CA ALA A 542 30.54 29.14 35.39
C ALA A 542 30.18 29.82 34.07
N GLU A 543 28.96 30.36 34.01
CA GLU A 543 28.45 31.06 32.83
C GLU A 543 28.44 30.20 31.58
N VAL A 544 28.63 28.89 31.73
CA VAL A 544 28.63 27.99 30.59
C VAL A 544 27.59 26.89 30.70
N LYS A 545 27.02 26.64 31.87
CA LYS A 545 25.92 25.70 32.00
C LYS A 545 24.66 26.34 31.42
N GLU A 546 24.65 26.44 30.09
CA GLU A 546 23.53 27.02 29.38
C GLU A 546 22.39 26.01 29.30
N ALA A 547 21.48 26.05 30.27
CA ALA A 547 20.32 25.18 30.28
C ALA A 547 19.12 25.81 29.58
N TRP A 548 19.28 27.01 29.04
CA TRP A 548 18.22 27.66 28.27
C TRP A 548 18.22 27.18 26.82
N TYR A 549 18.23 25.86 26.64
CA TYR A 549 18.34 25.31 25.30
C TYR A 549 16.98 24.81 24.87
N PRO A 550 16.33 25.45 23.91
CA PRO A 550 14.98 25.03 23.52
C PRO A 550 14.99 23.66 22.87
N GLY A 551 13.90 22.94 23.07
CA GLY A 551 13.62 21.76 22.29
C GLY A 551 13.06 22.13 20.93
N ASP A 552 12.79 21.11 20.13
CA ASP A 552 12.20 21.38 18.83
C ASP A 552 10.75 21.82 19.02
N LEU A 553 10.18 22.40 17.95
CA LEU A 553 8.75 22.68 17.93
C LEU A 553 8.07 21.33 17.81
N SER A 554 8.05 20.61 18.93
CA SER A 554 7.87 19.17 18.93
C SER A 554 6.63 18.75 18.17
N TYR A 555 6.85 18.03 17.07
CA TYR A 555 5.75 17.48 16.31
C TYR A 555 5.21 16.20 16.90
N ALA A 556 5.56 15.91 18.16
CA ALA A 556 5.00 14.75 18.84
C ALA A 556 3.77 15.09 19.65
N THR A 557 3.61 16.35 20.01
CA THR A 557 2.45 16.83 20.75
C THR A 557 1.75 17.98 20.08
N ARG A 558 2.43 18.72 19.21
CA ARG A 558 1.75 19.80 18.51
C ARG A 558 0.72 19.25 17.54
N VAL A 559 1.13 18.38 16.62
CA VAL A 559 0.21 17.91 15.58
C VAL A 559 -0.96 17.11 16.12
N PRO A 560 -0.78 16.13 16.99
CA PRO A 560 -1.96 15.32 17.34
C PRO A 560 -2.94 16.06 18.22
N GLY A 561 -2.46 16.78 19.23
CA GLY A 561 -3.33 17.60 20.04
C GLY A 561 -3.88 18.80 19.31
N ASP A 562 -3.25 19.20 18.21
CA ASP A 562 -3.81 20.26 17.38
C ASP A 562 -4.69 19.74 16.29
N MET A 563 -4.75 18.42 16.09
CA MET A 563 -5.73 17.84 15.20
C MET A 563 -6.91 17.25 15.94
N LEU A 564 -6.79 17.08 17.25
CA LEU A 564 -7.98 16.79 18.04
C LEU A 564 -9.02 17.87 17.86
N ILE A 565 -8.59 19.12 17.85
CA ILE A 565 -9.51 20.23 17.62
C ILE A 565 -10.15 20.10 16.25
N LEU A 566 -9.37 19.74 15.24
CA LEU A 566 -9.92 19.58 13.90
C LEU A 566 -10.96 18.48 13.85
N THR A 567 -10.68 17.33 14.43
CA THR A 567 -11.66 16.24 14.37
C THR A 567 -12.93 16.62 15.09
N ILE A 568 -12.81 17.25 16.27
CA ILE A 568 -14.02 17.70 16.95
C ILE A 568 -14.76 18.71 16.11
N THR A 569 -14.03 19.60 15.44
CA THR A 569 -14.68 20.64 14.64
C THR A 569 -15.48 20.02 13.51
N PHE A 570 -14.90 19.08 12.77
CA PHE A 570 -15.67 18.44 11.71
C PHE A 570 -16.85 17.66 12.26
N CYS A 571 -16.64 16.91 13.34
CA CYS A 571 -17.75 16.13 13.90
C CYS A 571 -18.98 16.98 14.14
N TYR A 572 -18.82 18.11 14.83
CA TYR A 572 -19.93 19.01 15.11
C TYR A 572 -19.90 20.21 14.20
N SER A 573 -19.52 20.03 12.95
CA SER A 573 -19.45 21.17 12.04
C SER A 573 -20.83 21.74 11.77
N VAL A 574 -21.84 20.89 11.63
CA VAL A 574 -23.16 21.39 11.31
C VAL A 574 -24.24 20.82 12.22
N ILE A 575 -23.91 19.78 12.98
CA ILE A 575 -24.81 19.37 14.04
C ILE A 575 -24.94 20.50 15.06
N ALA A 576 -23.82 21.06 15.47
CA ALA A 576 -23.78 22.25 16.31
C ALA A 576 -22.89 23.25 15.61
N PRO A 577 -23.37 23.85 14.51
CA PRO A 577 -22.51 24.69 13.68
C PRO A 577 -22.02 25.94 14.39
N LEU A 578 -22.29 26.09 15.67
CA LEU A 578 -21.74 27.24 16.37
C LEU A 578 -20.25 27.08 16.61
N ILE A 579 -19.75 25.84 16.69
CA ILE A 579 -18.37 25.64 17.13
C ILE A 579 -17.34 25.89 16.05
N LEU A 580 -17.75 26.22 14.83
CA LEU A 580 -16.76 26.69 13.87
C LEU A 580 -16.10 27.95 14.37
N ILE A 581 -16.83 28.77 15.12
CA ILE A 581 -16.19 29.95 15.69
C ILE A 581 -15.11 29.53 16.67
N PHE A 582 -15.34 28.46 17.43
CA PHE A 582 -14.33 28.01 18.38
C PHE A 582 -13.15 27.39 17.66
N GLY A 583 -13.41 26.63 16.61
CA GLY A 583 -12.32 26.06 15.84
C GLY A 583 -11.42 27.12 15.24
N ILE A 584 -12.02 28.14 14.62
CA ILE A 584 -11.21 29.23 14.07
C ILE A 584 -10.49 29.95 15.19
N THR A 585 -11.16 30.16 16.32
CA THR A 585 -10.48 30.79 17.44
C THR A 585 -9.20 30.05 17.78
N TYR A 586 -9.32 28.75 17.99
CA TYR A 586 -8.17 27.98 18.41
C TYR A 586 -7.07 28.04 17.37
N PHE A 587 -7.42 27.83 16.11
CA PHE A 587 -6.37 27.70 15.11
C PHE A 587 -5.70 29.03 14.81
N GLY A 588 -6.47 30.12 14.81
CA GLY A 588 -5.85 31.42 14.62
C GLY A 588 -4.93 31.77 15.77
N LEU A 589 -5.36 31.54 17.00
CA LEU A 589 -4.48 31.83 18.12
C LEU A 589 -3.23 30.98 18.05
N GLY A 590 -3.38 29.70 17.71
CA GLY A 590 -2.21 28.85 17.58
C GLY A 590 -1.27 29.33 16.49
N TRP A 591 -1.82 29.73 15.35
CA TRP A 591 -1.00 30.22 14.26
C TRP A 591 -0.20 31.44 14.69
N LEU A 592 -0.84 32.37 15.38
CA LEU A 592 -0.13 33.57 15.77
C LEU A 592 0.95 33.26 16.81
N VAL A 593 0.58 32.53 17.86
CA VAL A 593 1.54 32.26 18.93
C VAL A 593 2.69 31.41 18.41
N LEU A 594 2.42 30.59 17.39
CA LEU A 594 3.42 29.67 16.86
C LEU A 594 4.31 30.34 15.81
N ARG A 595 3.79 31.32 15.07
CA ARG A 595 4.67 32.19 14.29
C ARG A 595 5.61 32.94 15.22
N ASN A 596 5.07 33.63 16.21
CA ASN A 596 5.90 33.85 17.37
C ASN A 596 6.02 32.52 18.09
N GLN A 597 6.80 32.44 19.14
CA GLN A 597 7.12 31.18 19.80
C GLN A 597 7.72 30.13 18.85
N ALA A 598 7.87 30.45 17.56
CA ALA A 598 8.69 29.62 16.68
C ALA A 598 9.59 30.43 15.77
N LEU A 599 9.40 31.72 15.68
CA LEU A 599 10.31 32.59 14.95
C LEU A 599 11.43 33.11 15.84
N LYS A 600 11.32 32.95 17.14
CA LYS A 600 12.25 33.58 18.05
C LYS A 600 12.81 32.66 19.12
N VAL A 601 12.16 31.55 19.46
CA VAL A 601 12.59 30.70 20.56
C VAL A 601 12.94 29.29 20.09
N TYR A 602 12.00 28.60 19.45
CA TYR A 602 12.22 27.20 19.13
C TYR A 602 13.31 27.03 18.07
N VAL A 603 14.05 25.93 18.19
CA VAL A 603 15.03 25.53 17.18
C VAL A 603 14.82 24.06 16.89
N PRO A 604 14.71 23.67 15.63
CA PRO A 604 14.47 22.27 15.31
C PRO A 604 15.75 21.46 15.43
N SER A 605 15.60 20.20 15.80
CA SER A 605 16.74 19.31 15.96
C SER A 605 17.03 18.48 14.74
N TYR A 606 16.02 18.14 13.93
CA TYR A 606 16.21 17.35 12.74
C TYR A 606 15.42 17.98 11.62
N GLU A 607 16.05 18.20 10.47
CA GLU A 607 15.38 18.87 9.36
C GLU A 607 14.97 17.81 8.34
N SER A 608 13.92 17.07 8.67
CA SER A 608 13.24 16.30 7.65
C SER A 608 12.56 17.30 6.74
N TYR A 609 12.80 17.19 5.44
CA TYR A 609 12.56 18.34 4.59
C TYR A 609 11.10 18.56 4.31
N GLY A 610 10.21 17.96 5.08
CA GLY A 610 8.81 18.24 4.90
C GLY A 610 8.02 16.96 4.93
N GLU A 611 8.72 15.85 5.05
CA GLU A 611 8.03 14.56 4.97
C GLU A 611 7.34 14.23 6.27
N MET A 612 6.58 15.17 6.79
CA MET A 612 5.55 14.91 7.77
C MET A 612 4.22 15.40 7.28
N TRP A 613 4.18 16.00 6.11
CA TRP A 613 2.92 16.52 5.60
C TRP A 613 2.03 15.44 5.02
N PRO A 614 2.55 14.42 4.33
CA PRO A 614 1.63 13.41 3.81
C PRO A 614 0.79 12.79 4.91
N HIS A 615 1.36 12.62 6.09
CA HIS A 615 0.60 12.10 7.21
C HIS A 615 -0.49 13.07 7.65
N ILE A 616 -0.16 14.36 7.70
CA ILE A 616 -1.15 15.35 8.10
C ILE A 616 -2.29 15.37 7.11
N HIS A 617 -1.99 15.32 5.82
CA HIS A 617 -3.01 15.17 4.81
C HIS A 617 -3.86 13.93 5.02
N GLN A 618 -3.23 12.77 5.17
CA GLN A 618 -4.01 11.55 5.25
C GLN A 618 -5.01 11.65 6.37
N GLU A 619 -4.62 12.24 7.49
CA GLU A 619 -5.59 12.22 8.58
C GLU A 619 -6.50 13.44 8.65
N ILE A 620 -6.14 14.57 8.06
CA ILE A 620 -7.16 15.60 7.88
C ILE A 620 -8.26 15.09 6.98
N LEU A 621 -7.88 14.39 5.91
CA LEU A 621 -8.89 13.79 5.05
C LEU A 621 -9.64 12.70 5.79
N ALA A 622 -8.96 11.95 6.64
CA ALA A 622 -9.65 10.92 7.41
C ALA A 622 -10.71 11.55 8.30
N ALA A 623 -10.38 12.67 8.92
CA ALA A 623 -11.38 13.36 9.73
C ALA A 623 -12.54 13.83 8.85
N LEU A 624 -12.24 14.28 7.65
CA LEU A 624 -13.32 14.70 6.75
C LEU A 624 -14.22 13.52 6.38
N PHE A 625 -13.62 12.37 6.12
CA PHE A 625 -14.39 11.17 5.82
C PHE A 625 -15.27 10.78 7.00
N LEU A 626 -14.70 10.86 8.20
CA LEU A 626 -15.50 10.59 9.38
C LEU A 626 -16.66 11.55 9.49
N PHE A 627 -16.43 12.83 9.22
CA PHE A 627 -17.49 13.82 9.22
C PHE A 627 -18.56 13.48 8.21
N GLN A 628 -18.17 13.04 7.02
CA GLN A 628 -19.16 12.67 6.02
C GLN A 628 -20.01 11.49 6.50
N VAL A 629 -19.38 10.47 7.07
CA VAL A 629 -20.16 9.34 7.59
C VAL A 629 -21.12 9.80 8.67
N VAL A 630 -20.65 10.62 9.59
CA VAL A 630 -21.51 11.01 10.70
C VAL A 630 -22.62 11.93 10.23
N MET A 631 -22.38 12.74 9.23
CA MET A 631 -23.50 13.50 8.69
C MET A 631 -24.50 12.58 8.02
N PHE A 632 -24.02 11.53 7.35
CA PHE A 632 -24.95 10.55 6.82
C PHE A 632 -25.81 9.98 7.93
N GLY A 633 -25.18 9.58 9.04
CA GLY A 633 -25.93 8.98 10.13
C GLY A 633 -26.90 9.94 10.79
N TYR A 634 -26.37 11.06 11.29
CA TYR A 634 -27.19 12.02 12.03
C TYR A 634 -28.15 12.79 11.14
N LEU A 635 -28.02 12.68 9.82
CA LEU A 635 -29.05 13.23 8.95
C LEU A 635 -30.12 12.21 8.68
N GLY A 636 -29.74 10.96 8.43
CA GLY A 636 -30.74 9.91 8.31
C GLY A 636 -31.55 9.71 9.58
N ALA A 637 -30.99 10.10 10.73
CA ALA A 637 -31.78 10.10 11.95
C ALA A 637 -32.98 11.03 11.80
N LYS A 638 -32.77 12.19 11.21
CA LYS A 638 -33.91 12.98 10.75
C LYS A 638 -34.54 12.23 9.59
N THR A 639 -35.86 12.14 9.60
CA THR A 639 -36.56 11.23 8.70
C THR A 639 -37.11 11.99 7.50
N PHE A 640 -36.36 11.96 6.40
CA PHE A 640 -36.85 12.36 5.07
C PHE A 640 -35.74 11.92 4.10
N PHE A 641 -35.92 12.10 2.79
CA PHE A 641 -35.07 11.31 1.91
C PHE A 641 -33.67 11.90 1.83
N TYR A 642 -33.08 12.11 2.99
CA TYR A 642 -31.71 12.57 3.07
C TYR A 642 -30.80 11.36 2.99
N THR A 643 -29.55 11.53 3.41
CA THR A 643 -28.64 10.41 3.67
C THR A 643 -28.42 9.55 2.44
N ALA A 644 -28.97 9.97 1.31
CA ALA A 644 -28.65 9.35 0.04
C ALA A 644 -27.72 10.21 -0.79
N LEU A 645 -27.96 11.52 -0.82
CA LEU A 645 -27.05 12.46 -1.43
C LEU A 645 -25.80 12.70 -0.59
N VAL A 646 -25.48 11.78 0.32
CA VAL A 646 -24.27 11.87 1.11
C VAL A 646 -23.29 10.77 0.76
N ILE A 647 -23.79 9.58 0.44
CA ILE A 647 -22.94 8.48 0.00
C ILE A 647 -22.02 8.90 -1.14
N PRO A 648 -22.51 9.64 -2.15
CA PRO A 648 -21.58 10.11 -3.19
C PRO A 648 -20.44 10.90 -2.61
N LEU A 649 -20.67 11.64 -1.54
CA LEU A 649 -19.58 12.39 -0.95
C LEU A 649 -18.55 11.46 -0.32
N ILE A 650 -19.00 10.37 0.29
CA ILE A 650 -18.04 9.42 0.85
C ILE A 650 -17.22 8.76 -0.24
N ILE A 651 -17.87 8.39 -1.35
CA ILE A 651 -17.11 7.89 -2.49
C ILE A 651 -16.12 8.94 -2.95
N THR A 652 -16.54 10.21 -2.92
CA THR A 652 -15.66 11.28 -3.33
C THR A 652 -14.44 11.36 -2.44
N SER A 653 -14.63 11.21 -1.13
CA SER A 653 -13.50 11.30 -0.23
C SER A 653 -12.53 10.14 -0.43
N LEU A 654 -13.05 8.92 -0.59
CA LEU A 654 -12.14 7.81 -0.83
C LEU A 654 -11.37 8.02 -2.14
N ILE A 655 -12.05 8.42 -3.20
CA ILE A 655 -11.38 8.60 -4.49
C ILE A 655 -10.41 9.75 -4.44
N PHE A 656 -10.75 10.81 -3.71
CA PHE A 656 -9.82 11.92 -3.57
C PHE A 656 -8.57 11.49 -2.84
N GLY A 657 -8.71 10.66 -1.81
CA GLY A 657 -7.55 10.10 -1.18
C GLY A 657 -6.68 9.34 -2.16
N TYR A 658 -7.31 8.51 -3.00
CA TYR A 658 -6.52 7.74 -3.95
C TYR A 658 -5.80 8.64 -4.95
N VAL A 659 -6.50 9.63 -5.49
CA VAL A 659 -5.86 10.46 -6.51
C VAL A 659 -4.76 11.31 -5.90
N CYS A 660 -4.94 11.79 -4.67
CA CYS A 660 -3.86 12.50 -4.02
C CYS A 660 -2.66 11.58 -3.82
N ARG A 661 -2.89 10.40 -3.24
CA ARG A 661 -1.75 9.52 -2.99
C ARG A 661 -1.06 9.10 -4.27
N GLN A 662 -1.72 9.16 -5.42
CA GLN A 662 -1.04 8.84 -6.66
C GLN A 662 -0.63 10.06 -7.45
N LYS A 663 -0.84 11.26 -6.92
CA LYS A 663 -0.44 12.47 -7.63
C LYS A 663 0.60 13.29 -6.89
N PHE A 664 0.78 13.09 -5.58
CA PHE A 664 1.86 13.78 -4.90
C PHE A 664 2.70 12.91 -3.98
N TYR A 665 2.21 11.77 -3.52
CA TYR A 665 2.90 11.03 -2.47
C TYR A 665 4.20 10.41 -2.94
N GLY A 666 4.59 10.64 -4.19
CA GLY A 666 5.84 10.09 -4.62
C GLY A 666 6.98 10.98 -4.18
N GLY A 667 6.85 12.28 -4.45
CA GLY A 667 7.94 13.17 -4.18
C GLY A 667 8.27 13.34 -2.73
N PHE A 668 7.50 12.72 -1.84
CA PHE A 668 7.71 12.83 -0.41
C PHE A 668 8.42 11.61 0.17
N GLU A 669 9.08 10.82 -0.67
CA GLU A 669 9.85 9.70 -0.16
C GLU A 669 11.32 9.74 -0.57
N HIS A 670 11.63 9.98 -1.84
CA HIS A 670 12.86 9.44 -2.38
C HIS A 670 13.84 10.46 -2.97
N THR A 671 13.79 11.70 -2.55
CA THR A 671 14.87 12.66 -2.79
C THR A 671 15.17 12.85 -4.28
N ALA A 672 14.31 12.40 -5.17
CA ALA A 672 14.19 13.04 -6.48
C ALA A 672 15.48 13.09 -7.29
N LEU A 673 15.89 11.95 -7.84
CA LEU A 673 17.14 11.80 -8.58
C LEU A 673 17.56 13.03 -9.39
N GLU A 674 16.63 13.67 -10.10
CA GLU A 674 16.98 14.89 -10.81
C GLU A 674 17.59 15.92 -9.88
N VAL A 675 16.94 16.16 -8.75
CA VAL A 675 17.48 17.08 -7.75
C VAL A 675 18.82 16.58 -7.26
N ALA A 676 18.97 15.27 -7.14
CA ALA A 676 20.21 14.71 -6.63
C ALA A 676 21.37 15.06 -7.53
N CYS A 677 21.20 14.96 -8.84
CA CYS A 677 22.37 15.17 -9.68
C CYS A 677 22.55 16.62 -10.09
N ARG A 678 21.46 17.31 -10.41
CA ARG A 678 21.59 18.66 -10.94
C ARG A 678 22.17 19.64 -9.93
N GLU A 679 22.39 19.20 -8.69
CA GLU A 679 22.93 20.12 -7.70
C GLU A 679 24.30 20.63 -8.12
N LEU A 680 25.10 19.78 -8.78
CA LEU A 680 26.41 20.18 -9.27
C LEU A 680 27.28 20.70 -8.12
N LYS A 681 27.59 19.80 -7.21
CA LYS A 681 28.34 20.16 -6.01
C LYS A 681 29.69 20.74 -6.38
N GLN A 682 30.13 21.73 -5.60
CA GLN A 682 31.42 22.39 -5.80
C GLN A 682 32.45 21.73 -4.90
N SER A 683 33.13 20.72 -5.44
CA SER A 683 34.24 20.04 -4.77
C SER A 683 33.84 19.40 -3.46
N PRO A 684 33.08 18.31 -3.47
CA PRO A 684 32.79 17.59 -2.24
C PRO A 684 33.92 16.63 -1.90
N ASP A 685 33.83 16.04 -0.71
CA ASP A 685 34.75 15.01 -0.29
C ASP A 685 33.91 13.90 0.35
N LEU A 686 34.59 12.95 0.98
CA LEU A 686 33.87 11.97 1.77
C LEU A 686 34.51 11.67 3.11
N GLU A 687 35.79 11.98 3.32
CA GLU A 687 36.40 11.71 4.61
C GLU A 687 35.73 12.54 5.70
N GLU A 688 35.35 13.77 5.39
CA GLU A 688 34.64 14.60 6.35
C GLU A 688 33.18 14.23 6.45
N ILE A 689 32.78 13.07 5.92
CA ILE A 689 31.39 12.63 5.96
C ILE A 689 31.22 11.34 6.72
N PHE A 690 32.10 10.36 6.51
CA PHE A 690 31.99 9.16 7.32
C PHE A 690 32.12 9.49 8.80
N ARG A 691 32.91 10.49 9.15
CA ARG A 691 33.06 10.86 10.55
C ARG A 691 31.77 11.40 11.14
N ALA A 692 30.81 11.79 10.30
CA ALA A 692 29.55 12.28 10.82
C ALA A 692 28.64 11.18 11.31
N TYR A 693 28.72 9.99 10.71
CA TYR A 693 27.86 8.89 11.14
C TYR A 693 28.41 8.07 12.29
N ILE A 694 29.68 8.22 12.65
CA ILE A 694 30.24 7.46 13.75
C ILE A 694 29.68 8.03 15.05
N PRO A 695 29.06 7.20 15.91
CA PRO A 695 28.41 7.77 17.10
C PRO A 695 29.38 8.31 18.12
N HIS A 696 30.45 7.58 18.37
CA HIS A 696 31.50 7.93 19.33
C HIS A 696 32.83 8.20 18.63
N PHE B 3 -31.16 -37.35 -11.18
CA PHE B 3 -31.41 -35.99 -11.64
C PHE B 3 -30.29 -35.51 -12.54
N GLY B 4 -29.20 -35.06 -11.93
CA GLY B 4 -28.05 -34.55 -12.67
C GLY B 4 -27.10 -35.59 -13.18
N SER B 5 -27.39 -36.88 -12.98
CA SER B 5 -26.51 -37.94 -13.46
C SER B 5 -26.38 -37.95 -14.98
N PHE B 6 -27.38 -37.44 -15.69
CA PHE B 6 -27.31 -37.40 -17.14
C PHE B 6 -26.11 -36.58 -17.60
N LEU B 7 -25.82 -35.48 -16.90
CA LEU B 7 -24.70 -34.63 -17.30
C LEU B 7 -23.37 -35.35 -17.13
N VAL B 8 -23.18 -36.06 -16.01
CA VAL B 8 -21.95 -36.79 -15.79
C VAL B 8 -21.81 -37.89 -16.83
N SER B 9 -22.91 -38.57 -17.15
CA SER B 9 -22.86 -39.60 -18.18
C SER B 9 -22.46 -39.01 -19.53
N LEU B 10 -23.04 -37.87 -19.88
CA LEU B 10 -22.68 -37.22 -21.13
C LEU B 10 -21.20 -36.85 -21.13
N GLY B 11 -20.71 -36.35 -20.00
CA GLY B 11 -19.30 -35.98 -19.93
C GLY B 11 -18.38 -37.17 -20.11
N THR B 12 -18.66 -38.27 -19.42
CA THR B 12 -17.76 -39.41 -19.54
C THR B 12 -17.85 -40.03 -20.92
N SER B 13 -19.03 -40.01 -21.55
CA SER B 13 -19.12 -40.45 -22.93
C SER B 13 -18.29 -39.56 -23.84
N PHE B 14 -18.33 -38.25 -23.60
CA PHE B 14 -17.55 -37.32 -24.42
C PHE B 14 -16.07 -37.57 -24.28
N VAL B 15 -15.58 -37.80 -23.06
CA VAL B 15 -14.17 -38.13 -22.88
C VAL B 15 -13.83 -39.45 -23.55
N ILE B 16 -14.68 -40.46 -23.42
CA ILE B 16 -14.38 -41.71 -24.11
C ILE B 16 -14.21 -41.45 -25.60
N PHE B 17 -15.13 -40.68 -26.19
CA PHE B 17 -15.05 -40.39 -27.61
C PHE B 17 -13.78 -39.62 -27.94
N VAL B 18 -13.46 -38.57 -27.18
CA VAL B 18 -12.37 -37.69 -27.58
C VAL B 18 -11.02 -38.36 -27.32
N ILE B 19 -10.89 -39.12 -26.24
CA ILE B 19 -9.65 -39.84 -26.01
C ILE B 19 -9.47 -40.95 -27.03
N LEU B 20 -10.56 -41.60 -27.43
CA LEU B 20 -10.46 -42.53 -28.54
C LEU B 20 -9.95 -41.82 -29.79
N MET B 21 -10.47 -40.62 -30.06
CA MET B 21 -10.02 -39.85 -31.21
C MET B 21 -8.55 -39.49 -31.08
N LEU B 22 -8.11 -39.11 -29.89
CA LEU B 22 -6.70 -38.78 -29.68
C LEU B 22 -5.81 -39.97 -29.98
N LEU B 23 -6.10 -41.10 -29.35
CA LEU B 23 -5.23 -42.25 -29.53
C LEU B 23 -5.27 -42.73 -30.97
N PHE B 24 -6.40 -42.52 -31.65
CA PHE B 24 -6.52 -42.94 -33.03
C PHE B 24 -5.80 -41.99 -33.98
N THR B 25 -5.67 -40.72 -33.62
CA THR B 25 -5.17 -39.73 -34.57
C THR B 25 -3.73 -39.32 -34.33
N TRP B 26 -3.32 -39.16 -33.07
CA TRP B 26 -1.97 -38.67 -32.80
C TRP B 26 -0.91 -39.62 -33.36
N LEU B 27 -1.10 -40.92 -33.19
CA LEU B 27 -0.16 -41.91 -33.71
C LEU B 27 -0.39 -42.06 -35.21
N SER B 28 0.00 -41.03 -35.95
CA SER B 28 -0.24 -41.00 -37.39
C SER B 28 0.67 -39.94 -38.01
N ARG B 29 0.37 -39.59 -39.28
CA ARG B 29 1.10 -38.55 -39.98
C ARG B 29 0.59 -37.15 -39.68
N LYS B 30 -0.46 -37.01 -38.88
CA LYS B 30 -0.90 -35.70 -38.40
C LYS B 30 0.02 -35.17 -37.32
N SER B 31 1.16 -35.83 -37.11
CA SER B 31 2.07 -35.49 -36.03
C SER B 31 2.57 -34.08 -36.15
N GLY B 32 2.47 -33.47 -37.33
CA GLY B 32 2.77 -32.07 -37.41
C GLY B 32 1.84 -31.21 -36.58
N ASN B 33 0.69 -31.74 -36.19
CA ASN B 33 -0.25 -30.96 -35.41
C ASN B 33 -0.19 -31.27 -33.93
N ALA B 34 -0.47 -32.51 -33.53
CA ALA B 34 -0.63 -32.79 -32.11
C ALA B 34 0.64 -32.55 -31.33
N PRO B 35 1.81 -33.09 -31.70
CA PRO B 35 3.06 -32.59 -31.08
C PRO B 35 3.63 -31.39 -31.83
N ILE B 36 3.02 -30.22 -31.63
CA ILE B 36 3.37 -29.07 -32.45
C ILE B 36 4.59 -28.33 -31.94
N TYR B 37 4.87 -28.35 -30.64
CA TYR B 37 5.96 -27.54 -30.14
C TYR B 37 7.31 -28.10 -30.55
N TYR B 38 7.35 -29.32 -31.08
CA TYR B 38 8.64 -29.95 -31.37
C TYR B 38 9.20 -29.58 -32.74
N PRO B 39 8.42 -29.53 -33.83
CA PRO B 39 9.01 -29.13 -35.12
C PRO B 39 9.74 -27.80 -35.04
N ASN B 40 9.04 -26.73 -34.68
CA ASN B 40 9.75 -25.55 -34.24
C ASN B 40 10.55 -25.91 -33.00
N ARG B 41 11.72 -25.29 -32.83
CA ARG B 41 12.66 -25.75 -31.81
C ARG B 41 13.03 -27.21 -32.08
N ILE B 42 13.86 -27.38 -33.11
CA ILE B 42 13.92 -28.55 -33.99
C ILE B 42 13.80 -29.87 -33.27
N LEU B 43 13.21 -30.85 -33.97
CA LEU B 43 12.49 -31.99 -33.41
C LEU B 43 13.06 -32.49 -32.10
N LYS B 44 12.20 -32.54 -31.09
CA LYS B 44 12.44 -33.26 -29.85
C LYS B 44 11.26 -34.09 -29.41
N GLY B 45 10.11 -33.93 -30.04
CA GLY B 45 8.98 -34.82 -29.86
C GLY B 45 8.36 -35.21 -31.18
N LEU B 46 9.17 -35.22 -32.24
CA LEU B 46 8.66 -35.49 -33.57
C LEU B 46 8.47 -36.99 -33.77
N GLU B 47 7.74 -37.60 -32.85
CA GLU B 47 7.40 -39.02 -32.88
C GLU B 47 6.42 -39.26 -31.75
N PRO B 48 5.69 -40.38 -31.78
CA PRO B 48 4.81 -40.65 -30.64
C PRO B 48 5.63 -41.16 -29.47
N TRP B 49 6.79 -40.54 -29.31
CA TRP B 49 7.81 -40.77 -28.30
C TRP B 49 8.95 -39.84 -28.65
N GLU B 50 9.95 -39.79 -27.76
CA GLU B 50 11.24 -39.18 -28.10
C GLU B 50 12.19 -40.30 -28.55
N GLY B 51 11.72 -41.07 -29.52
CA GLY B 51 12.47 -42.23 -29.96
C GLY B 51 11.91 -42.90 -31.20
N THR B 52 12.72 -43.75 -31.82
CA THR B 52 12.38 -44.40 -33.08
C THR B 52 11.77 -45.78 -32.83
N SER B 53 11.69 -46.59 -33.88
CA SER B 53 11.26 -48.00 -33.80
C SER B 53 9.77 -48.13 -33.45
N LEU B 54 8.94 -47.41 -34.20
CA LEU B 54 7.48 -47.52 -34.10
C LEU B 54 7.02 -47.39 -32.65
N THR B 55 7.68 -46.51 -31.91
CA THR B 55 7.43 -46.36 -30.48
C THR B 55 6.17 -45.51 -30.27
N ARG B 56 5.04 -46.11 -30.64
CA ARG B 56 3.75 -45.46 -30.39
C ARG B 56 3.25 -45.82 -29.00
N ASN B 57 3.07 -47.12 -28.74
CA ASN B 57 2.61 -47.69 -27.48
C ASN B 57 1.57 -46.80 -26.80
N PRO B 58 0.40 -46.59 -27.40
CA PRO B 58 -0.65 -45.87 -26.69
C PRO B 58 -1.17 -46.73 -25.54
N PHE B 59 -1.35 -46.12 -24.38
CA PHE B 59 -1.07 -44.71 -24.16
C PHE B 59 0.39 -44.42 -23.83
N ALA B 60 0.88 -43.26 -24.26
CA ALA B 60 2.30 -42.92 -24.17
C ALA B 60 2.57 -41.77 -23.21
N TRP B 61 1.88 -41.72 -22.09
CA TRP B 61 2.15 -40.71 -21.07
C TRP B 61 2.86 -41.27 -19.85
N MET B 62 3.10 -42.59 -19.81
CA MET B 62 4.07 -43.11 -18.87
C MET B 62 5.46 -42.61 -19.19
N ARG B 63 5.63 -42.01 -20.37
CA ARG B 63 6.82 -41.27 -20.73
C ARG B 63 6.77 -39.91 -20.05
N GLU B 64 7.64 -39.00 -20.47
CA GLU B 64 7.93 -37.76 -19.76
C GLU B 64 6.67 -36.97 -19.40
N ALA B 65 5.55 -37.30 -20.05
CA ALA B 65 4.30 -36.63 -19.74
C ALA B 65 4.01 -36.69 -18.25
N LEU B 66 4.21 -37.84 -17.63
CA LEU B 66 4.06 -37.93 -16.18
C LEU B 66 5.36 -37.59 -15.45
N THR B 67 6.51 -37.94 -16.03
CA THR B 67 7.80 -37.65 -15.41
C THR B 67 8.44 -36.41 -16.02
N SER B 68 7.78 -35.28 -15.84
CA SER B 68 8.26 -34.00 -16.37
C SER B 68 8.99 -33.28 -15.25
N SER B 69 10.32 -33.23 -15.33
CA SER B 69 11.10 -32.54 -14.32
C SER B 69 10.73 -31.07 -14.30
N GLU B 70 10.60 -30.52 -13.09
CA GLU B 70 10.23 -29.11 -12.96
C GLU B 70 11.23 -28.19 -13.63
N GLN B 71 12.46 -28.65 -13.85
CA GLN B 71 13.41 -27.92 -14.68
C GLN B 71 13.30 -28.31 -16.14
N ASP B 72 12.80 -29.51 -16.44
CA ASP B 72 12.61 -29.90 -17.82
C ASP B 72 11.61 -28.99 -18.51
N VAL B 73 10.51 -28.67 -17.82
CA VAL B 73 9.50 -27.80 -18.41
C VAL B 73 10.07 -26.42 -18.69
N VAL B 74 10.77 -25.84 -17.70
CA VAL B 74 11.32 -24.50 -17.91
C VAL B 74 12.43 -24.54 -18.94
N ASN B 75 13.01 -25.71 -19.20
CA ASN B 75 13.90 -25.83 -20.35
C ASN B 75 13.11 -25.79 -21.65
N LEU B 76 11.96 -26.45 -21.71
CA LEU B 76 11.17 -26.53 -22.93
C LEU B 76 10.12 -25.45 -23.04
N SER B 77 9.96 -24.60 -22.03
CA SER B 77 9.02 -23.49 -22.10
C SER B 77 9.43 -22.46 -21.07
N GLY B 78 8.89 -21.26 -21.21
CA GLY B 78 9.28 -20.18 -20.32
C GLY B 78 8.96 -20.49 -18.87
N VAL B 79 9.60 -19.74 -17.97
CA VAL B 79 9.33 -19.93 -16.55
C VAL B 79 7.87 -19.70 -16.24
N ASP B 80 7.16 -19.01 -17.11
CA ASP B 80 5.74 -18.84 -16.91
C ASP B 80 5.02 -20.17 -16.87
N THR B 81 5.38 -21.09 -17.75
CA THR B 81 4.72 -22.39 -17.73
C THR B 81 4.97 -23.13 -16.43
N ALA B 82 6.21 -23.10 -15.94
CA ALA B 82 6.50 -23.78 -14.69
C ALA B 82 5.71 -23.14 -13.54
N VAL B 83 5.55 -21.83 -13.57
CA VAL B 83 4.76 -21.18 -12.54
C VAL B 83 3.31 -21.63 -12.61
N HIS B 84 2.76 -21.72 -13.81
CA HIS B 84 1.39 -22.20 -13.90
C HIS B 84 1.28 -23.61 -13.34
N PHE B 85 2.27 -24.44 -13.62
CA PHE B 85 2.22 -25.80 -13.09
C PHE B 85 2.29 -25.80 -11.58
N VAL B 86 3.10 -24.92 -10.99
CA VAL B 86 3.15 -24.95 -9.54
C VAL B 86 1.81 -24.49 -8.98
N PHE B 87 1.10 -23.61 -9.68
CA PHE B 87 -0.23 -23.24 -9.23
C PHE B 87 -1.18 -24.42 -9.28
N LEU B 88 -1.20 -25.14 -10.39
CA LEU B 88 -2.06 -26.31 -10.47
C LEU B 88 -1.71 -27.31 -9.39
N SER B 89 -0.42 -27.57 -9.19
CA SER B 89 -0.02 -28.54 -8.20
C SER B 89 -0.41 -28.09 -6.79
N THR B 90 -0.28 -26.81 -6.49
CA THR B 90 -0.62 -26.34 -5.15
C THR B 90 -2.11 -26.44 -4.87
N VAL B 91 -2.94 -26.07 -5.84
CA VAL B 91 -4.38 -26.22 -5.61
C VAL B 91 -4.73 -27.69 -5.46
N LEU B 92 -4.11 -28.55 -6.27
CA LEU B 92 -4.33 -29.97 -6.10
C LEU B 92 -3.90 -30.40 -4.72
N GLY B 93 -2.81 -29.83 -4.23
CA GLY B 93 -2.34 -30.19 -2.90
C GLY B 93 -3.33 -29.81 -1.81
N ILE B 94 -3.87 -28.60 -1.88
CA ILE B 94 -4.85 -28.19 -0.88
C ILE B 94 -6.05 -29.12 -0.91
N PHE B 95 -6.60 -29.35 -2.10
CA PHE B 95 -7.80 -30.16 -2.16
C PHE B 95 -7.52 -31.65 -1.96
N ALA B 96 -6.26 -32.06 -1.94
CA ALA B 96 -5.93 -33.46 -1.67
C ALA B 96 -5.58 -33.70 -0.21
N CYS B 97 -4.72 -32.87 0.35
CA CYS B 97 -4.43 -32.93 1.77
C CYS B 97 -5.69 -32.75 2.61
N SER B 98 -6.79 -32.33 2.00
CA SER B 98 -8.07 -32.42 2.65
C SER B 98 -8.68 -33.80 2.44
N SER B 99 -7.91 -34.84 2.79
CA SER B 99 -8.45 -36.19 2.91
C SER B 99 -9.07 -36.43 4.27
N LEU B 100 -8.51 -35.81 5.32
CA LEU B 100 -9.15 -35.88 6.63
C LEU B 100 -10.20 -34.79 6.79
N LEU B 101 -11.00 -34.63 5.74
CA LEU B 101 -12.25 -33.88 5.78
C LEU B 101 -13.36 -34.55 5.00
N LEU B 102 -13.04 -35.44 4.06
CA LEU B 102 -14.04 -36.16 3.30
C LEU B 102 -14.45 -37.46 3.97
N LEU B 103 -13.53 -38.12 4.64
CA LEU B 103 -13.93 -39.35 5.30
C LEU B 103 -14.70 -39.02 6.59
N PRO B 104 -14.16 -38.21 7.50
CA PRO B 104 -14.92 -37.90 8.72
C PRO B 104 -16.20 -37.12 8.46
N THR B 105 -16.09 -35.93 7.86
CA THR B 105 -17.23 -35.02 7.86
C THR B 105 -18.38 -35.53 7.01
N LEU B 106 -18.08 -36.32 5.98
CA LEU B 106 -19.17 -36.90 5.20
C LEU B 106 -19.84 -38.06 5.93
N LEU B 107 -19.16 -38.66 6.91
CA LEU B 107 -19.80 -39.73 7.67
C LEU B 107 -21.08 -39.29 8.36
N PRO B 108 -21.20 -38.10 8.95
CA PRO B 108 -22.49 -37.68 9.49
C PRO B 108 -23.53 -37.49 8.40
N LEU B 109 -24.07 -38.61 7.94
CA LEU B 109 -25.23 -38.64 7.07
C LEU B 109 -26.43 -39.16 7.85
N SER B 138 -38.02 -34.14 7.98
CA SER B 138 -36.72 -34.73 8.26
C SER B 138 -35.66 -34.14 7.36
N MET B 139 -34.88 -33.21 7.91
CA MET B 139 -33.80 -32.59 7.15
C MET B 139 -32.75 -33.64 6.80
N ALA B 140 -32.20 -33.51 5.59
CA ALA B 140 -31.17 -34.44 5.14
C ALA B 140 -29.78 -34.01 5.60
N ASN B 141 -29.48 -32.72 5.53
CA ASN B 141 -28.22 -32.23 6.06
C ASN B 141 -28.27 -32.29 7.59
N ILE B 142 -27.25 -31.75 8.24
CA ILE B 142 -27.25 -31.77 9.69
C ILE B 142 -28.45 -30.97 10.20
N THR B 143 -29.11 -31.50 11.21
CA THR B 143 -30.44 -31.02 11.59
C THR B 143 -30.37 -29.88 12.61
N LYS B 144 -29.56 -28.87 12.30
CA LYS B 144 -29.51 -27.59 13.02
C LYS B 144 -29.33 -27.75 14.51
N LYS B 145 -28.97 -28.93 14.98
CA LYS B 145 -28.89 -29.20 16.42
C LYS B 145 -27.61 -29.96 16.74
N SER B 146 -26.52 -29.23 16.93
CA SER B 146 -25.33 -29.69 17.63
C SER B 146 -24.81 -31.03 17.13
N SER B 147 -25.26 -31.49 15.96
CA SER B 147 -24.85 -32.81 15.48
C SER B 147 -23.40 -32.76 15.03
N ARG B 148 -22.55 -32.41 15.99
CA ARG B 148 -21.14 -32.20 15.75
C ARG B 148 -20.92 -31.13 14.67
N LEU B 149 -21.65 -30.02 14.80
CA LEU B 149 -21.22 -28.84 14.07
C LEU B 149 -19.81 -28.44 14.47
N TRP B 150 -19.42 -28.81 15.69
CA TRP B 150 -18.02 -28.66 16.07
C TRP B 150 -17.11 -29.38 15.07
N ALA B 151 -17.58 -30.48 14.48
CA ALA B 151 -16.79 -31.09 13.43
C ALA B 151 -16.68 -30.16 12.23
N PHE B 152 -17.73 -29.39 11.95
CA PHE B 152 -17.62 -28.44 10.85
C PHE B 152 -16.60 -27.35 11.16
N LEU B 153 -16.57 -26.87 12.42
CA LEU B 153 -15.54 -25.91 12.78
C LEU B 153 -14.16 -26.53 12.65
N GLY B 154 -14.04 -27.79 13.03
CA GLY B 154 -12.77 -28.48 12.80
C GLY B 154 -12.40 -28.52 11.33
N ALA B 155 -13.39 -28.77 10.47
CA ALA B 155 -13.11 -28.85 9.04
C ALA B 155 -12.67 -27.50 8.50
N VAL B 156 -13.33 -26.43 8.91
CA VAL B 156 -12.96 -25.13 8.38
C VAL B 156 -11.58 -24.73 8.88
N TYR B 157 -11.26 -25.03 10.14
CA TYR B 157 -9.90 -24.79 10.57
C TYR B 157 -8.90 -25.63 9.77
N TRP B 158 -9.23 -26.89 9.51
CA TRP B 158 -8.28 -27.73 8.79
C TRP B 158 -8.00 -27.20 7.40
N ILE B 159 -9.05 -26.81 6.68
CA ILE B 159 -8.84 -26.24 5.35
C ILE B 159 -8.06 -24.95 5.44
N SER B 160 -8.49 -24.05 6.33
CA SER B 160 -7.84 -22.76 6.42
C SER B 160 -6.42 -22.87 6.93
N LEU B 161 -6.04 -24.04 7.44
CA LEU B 161 -4.67 -24.25 7.87
C LEU B 161 -3.83 -24.87 6.77
N VAL B 162 -4.37 -25.88 6.09
CA VAL B 162 -3.60 -26.52 5.05
C VAL B 162 -3.38 -25.57 3.88
N THR B 163 -4.35 -24.71 3.58
CA THR B 163 -4.11 -23.72 2.54
C THR B 163 -2.98 -22.80 2.92
N TYR B 164 -2.91 -22.36 4.17
CA TYR B 164 -1.80 -21.51 4.56
C TYR B 164 -0.48 -22.23 4.36
N PHE B 165 -0.40 -23.47 4.79
CA PHE B 165 0.86 -24.18 4.67
C PHE B 165 1.28 -24.33 3.22
N PHE B 166 0.38 -24.82 2.37
CA PHE B 166 0.76 -24.98 0.98
C PHE B 166 1.04 -23.66 0.28
N LEU B 167 0.28 -22.61 0.58
CA LEU B 167 0.53 -21.34 -0.08
C LEU B 167 1.91 -20.83 0.27
N TRP B 168 2.31 -20.94 1.53
CA TRP B 168 3.65 -20.49 1.89
C TRP B 168 4.70 -21.30 1.15
N LYS B 169 4.58 -22.63 1.19
CA LYS B 169 5.58 -23.46 0.54
C LYS B 169 5.69 -23.11 -0.93
N ALA B 170 4.56 -23.06 -1.62
CA ALA B 170 4.58 -22.77 -3.04
C ALA B 170 5.10 -21.39 -3.32
N TYR B 171 4.82 -20.42 -2.46
CA TYR B 171 5.25 -19.07 -2.76
C TYR B 171 6.76 -18.99 -2.69
N LYS B 172 7.34 -19.63 -1.69
CA LYS B 172 8.80 -19.74 -1.62
C LYS B 172 9.33 -20.41 -2.87
N HIS B 173 8.68 -21.49 -3.29
CA HIS B 173 9.18 -22.22 -4.45
C HIS B 173 9.16 -21.36 -5.70
N VAL B 174 8.08 -20.61 -5.91
CA VAL B 174 8.00 -19.79 -7.12
C VAL B 174 9.03 -18.69 -7.07
N SER B 175 9.23 -18.08 -5.91
CA SER B 175 10.27 -17.06 -5.84
C SER B 175 11.63 -17.66 -6.13
N SER B 176 11.86 -18.89 -5.67
CA SER B 176 13.14 -19.52 -5.96
C SER B 176 13.28 -19.81 -7.44
N LEU B 177 12.22 -20.25 -8.10
CA LEU B 177 12.28 -20.47 -9.54
C LEU B 177 12.59 -19.18 -10.27
N ARG B 178 11.91 -18.10 -9.87
CA ARG B 178 12.14 -16.82 -10.53
C ARG B 178 13.59 -16.39 -10.38
N ALA B 179 14.13 -16.53 -9.18
CA ALA B 179 15.54 -16.17 -8.99
C ALA B 179 16.45 -17.06 -9.82
N GLN B 180 16.19 -18.37 -9.81
CA GLN B 180 17.10 -19.30 -10.46
C GLN B 180 17.14 -19.09 -11.95
N ALA B 181 15.98 -18.90 -12.58
CA ALA B 181 15.96 -18.68 -14.01
C ALA B 181 16.22 -17.23 -14.38
N LEU B 182 16.18 -16.34 -13.41
CA LEU B 182 16.44 -14.94 -13.68
C LEU B 182 17.91 -14.62 -13.66
N MET B 183 18.70 -15.38 -12.92
CA MET B 183 20.12 -15.12 -12.77
C MET B 183 20.94 -15.87 -13.81
N SER B 184 20.39 -16.90 -14.42
CA SER B 184 21.09 -17.62 -15.47
C SER B 184 20.55 -17.33 -16.86
N ALA B 185 19.63 -16.39 -16.99
CA ALA B 185 19.06 -16.08 -18.29
C ALA B 185 20.11 -15.41 -19.19
N ASP B 186 19.98 -15.67 -20.48
CA ASP B 186 20.90 -15.12 -21.46
C ASP B 186 20.69 -13.61 -21.53
N VAL B 187 21.52 -12.92 -22.30
CA VAL B 187 21.36 -11.47 -22.46
C VAL B 187 20.16 -11.21 -23.34
N LYS B 188 19.23 -10.41 -22.85
CA LYS B 188 18.02 -10.09 -23.57
C LYS B 188 17.81 -8.59 -23.56
N PRO B 189 17.25 -8.04 -24.63
CA PRO B 189 17.14 -6.58 -24.73
C PRO B 189 16.18 -5.95 -23.75
N GLU B 190 15.41 -6.74 -23.01
CA GLU B 190 14.51 -6.13 -22.03
C GLU B 190 15.24 -5.65 -20.80
N GLN B 191 16.50 -6.01 -20.64
CA GLN B 191 17.23 -5.64 -19.43
C GLN B 191 17.87 -4.27 -19.55
N PHE B 192 18.36 -3.91 -20.72
CA PHE B 192 19.04 -2.63 -20.88
C PHE B 192 18.07 -1.53 -21.22
N ALA B 193 16.95 -1.38 -20.52
CA ALA B 193 15.99 -0.41 -21.00
C ALA B 193 14.98 -0.06 -19.94
N ILE B 194 14.46 1.15 -20.01
CA ILE B 194 13.38 1.61 -19.17
C ILE B 194 12.34 2.27 -20.05
N LEU B 195 11.11 2.29 -19.58
CA LEU B 195 10.00 2.91 -20.29
C LEU B 195 9.60 4.17 -19.53
N VAL B 196 9.92 5.33 -20.09
CA VAL B 196 9.69 6.59 -19.40
C VAL B 196 8.31 7.11 -19.81
N ARG B 197 7.28 6.60 -19.15
CA ARG B 197 5.91 6.61 -19.62
C ARG B 197 5.33 8.01 -19.77
N ASP B 198 5.69 8.93 -18.90
CA ASP B 198 5.11 10.27 -18.93
C ASP B 198 6.19 11.26 -19.32
N MET B 199 5.79 12.50 -19.61
CA MET B 199 6.76 13.45 -20.09
C MET B 199 6.20 14.86 -20.14
N PRO B 200 6.95 15.87 -19.71
CA PRO B 200 6.53 17.26 -19.93
C PRO B 200 6.82 17.63 -21.36
N ALA B 201 5.79 17.67 -22.18
CA ALA B 201 5.98 17.70 -23.63
C ALA B 201 6.81 18.89 -24.10
N PRO B 202 6.49 20.13 -23.73
CA PRO B 202 7.07 21.26 -24.45
C PRO B 202 8.45 21.60 -23.91
N PRO B 203 9.44 21.70 -24.79
CA PRO B 203 10.66 22.43 -24.45
C PRO B 203 10.70 23.85 -25.00
N ASP B 204 9.74 24.20 -25.87
CA ASP B 204 9.42 25.51 -26.40
C ASP B 204 10.38 25.99 -27.50
N GLY B 205 11.50 25.32 -27.75
CA GLY B 205 12.38 25.77 -28.80
C GLY B 205 13.03 24.64 -29.55
N GLN B 206 12.67 23.42 -29.18
CA GLN B 206 13.34 22.22 -29.66
C GLN B 206 12.38 21.06 -29.52
N THR B 207 12.54 20.05 -30.36
CA THR B 207 11.60 18.94 -30.33
C THR B 207 12.02 17.98 -29.21
N GLN B 208 11.31 16.88 -29.07
CA GLN B 208 11.46 16.07 -27.87
C GLN B 208 12.71 15.21 -27.84
N LYS B 209 13.26 14.83 -28.98
CA LYS B 209 14.44 13.96 -28.96
C LYS B 209 15.60 14.65 -28.24
N GLU B 210 15.92 15.88 -28.63
CA GLU B 210 16.98 16.58 -27.93
C GLU B 210 16.58 16.98 -26.51
N PHE B 211 15.29 17.07 -26.21
CA PHE B 211 14.89 17.33 -24.83
C PHE B 211 15.23 16.13 -23.95
N ILE B 212 14.84 14.93 -24.36
CA ILE B 212 15.26 13.72 -23.67
C ILE B 212 16.77 13.66 -23.57
N ASP B 213 17.45 13.95 -24.68
CA ASP B 213 18.91 13.90 -24.66
C ASP B 213 19.46 14.79 -23.55
N SER B 214 19.05 16.05 -23.53
CA SER B 214 19.58 16.96 -22.52
C SER B 214 19.26 16.47 -21.12
N TYR B 215 18.01 16.08 -20.89
CA TYR B 215 17.59 15.69 -19.55
C TYR B 215 18.39 14.49 -19.05
N PHE B 216 18.24 13.36 -19.73
CA PHE B 216 18.90 12.17 -19.24
C PHE B 216 20.41 12.28 -19.30
N ARG B 217 20.97 13.16 -20.13
CA ARG B 217 22.41 13.33 -20.11
C ARG B 217 22.83 14.06 -18.83
N GLU B 218 22.05 15.05 -18.41
CA GLU B 218 22.35 15.69 -17.13
C GLU B 218 22.24 14.70 -15.99
N ILE B 219 21.23 13.84 -16.03
CA ILE B 219 20.97 12.97 -14.89
C ILE B 219 21.82 11.70 -14.89
N TYR B 220 22.24 11.20 -16.05
CA TYR B 220 22.92 9.91 -16.14
C TYR B 220 24.11 10.04 -17.09
N PRO B 221 25.12 10.79 -16.72
CA PRO B 221 26.24 10.97 -17.64
C PRO B 221 26.96 9.66 -17.88
N GLU B 222 27.42 9.50 -19.12
CA GLU B 222 28.33 8.45 -19.58
C GLU B 222 27.83 7.04 -19.31
N THR B 223 26.58 6.87 -18.84
CA THR B 223 25.95 5.55 -18.76
C THR B 223 24.57 5.59 -19.38
N PHE B 224 24.48 6.12 -20.59
CA PHE B 224 23.19 6.35 -21.22
C PHE B 224 23.39 6.32 -22.73
N TYR B 225 22.89 5.27 -23.37
CA TYR B 225 23.30 4.99 -24.74
C TYR B 225 22.52 5.78 -25.78
N ARG B 226 21.21 5.54 -25.87
CA ARG B 226 20.38 6.19 -26.87
C ARG B 226 18.94 5.98 -26.44
N SER B 227 18.00 6.56 -27.17
CA SER B 227 16.63 6.58 -26.66
C SER B 227 15.64 6.75 -27.79
N LEU B 228 14.78 5.76 -28.00
CA LEU B 228 13.61 5.96 -28.83
C LEU B 228 12.63 6.89 -28.14
N VAL B 229 11.94 7.69 -28.94
CA VAL B 229 10.81 8.45 -28.47
C VAL B 229 9.57 7.84 -29.08
N ALA B 230 8.60 7.48 -28.24
CA ALA B 230 7.41 6.84 -28.74
C ALA B 230 6.72 7.74 -29.74
N THR B 231 6.39 7.19 -30.88
CA THR B 231 5.74 7.92 -31.96
C THR B 231 4.37 7.30 -32.18
N GLU B 232 3.73 7.69 -33.27
CA GLU B 232 2.34 7.34 -33.51
C GLU B 232 2.23 6.15 -34.44
N ASN B 233 1.18 5.34 -34.25
CA ASN B 233 0.89 4.19 -35.11
C ASN B 233 -0.51 4.36 -35.71
N SER B 234 -0.53 4.80 -36.96
CA SER B 234 -1.71 5.15 -37.74
C SER B 234 -1.32 4.95 -39.19
N LYS B 235 -1.74 5.88 -40.04
CA LYS B 235 -0.89 6.21 -41.17
C LYS B 235 0.55 6.04 -40.71
N VAL B 236 1.37 5.47 -41.58
CA VAL B 236 1.82 4.09 -41.38
C VAL B 236 2.05 3.64 -39.95
N ASN B 237 1.22 2.69 -39.54
CA ASN B 237 1.55 1.40 -38.97
C ASN B 237 0.67 0.45 -39.75
N LYS B 238 -0.55 0.95 -40.01
CA LYS B 238 -1.52 0.23 -40.82
C LYS B 238 -1.01 0.04 -42.24
N ILE B 239 -0.27 1.03 -42.75
CA ILE B 239 0.28 0.89 -44.09
C ILE B 239 1.27 -0.27 -44.14
N TRP B 240 2.12 -0.39 -43.12
CA TRP B 240 3.03 -1.52 -43.08
C TRP B 240 2.27 -2.84 -42.99
N GLU B 241 1.21 -2.87 -42.20
CA GLU B 241 0.41 -4.08 -42.13
C GLU B 241 -0.17 -4.45 -43.50
N LYS B 242 -0.77 -3.47 -44.18
CA LYS B 242 -1.37 -3.74 -45.48
C LYS B 242 -0.33 -4.14 -46.51
N LEU B 243 0.84 -3.51 -46.47
CA LEU B 243 1.91 -3.86 -47.40
C LEU B 243 2.41 -5.27 -47.14
N GLU B 244 2.54 -5.65 -45.88
CA GLU B 244 2.90 -7.03 -45.57
C GLU B 244 1.86 -7.99 -46.12
N GLY B 245 0.59 -7.64 -45.98
CA GLY B 245 -0.45 -8.47 -46.55
C GLY B 245 -0.32 -8.60 -48.06
N TYR B 246 -0.04 -7.49 -48.74
CA TYR B 246 0.12 -7.53 -50.19
C TYR B 246 1.29 -8.43 -50.57
N LYS B 247 2.43 -8.27 -49.88
CA LYS B 247 3.59 -9.09 -50.18
C LYS B 247 3.28 -10.56 -49.97
N LYS B 248 2.56 -10.88 -48.89
CA LYS B 248 2.16 -12.26 -48.65
C LYS B 248 1.30 -12.78 -49.79
N LYS B 249 0.55 -11.91 -50.46
CA LYS B 249 -0.30 -12.36 -51.55
C LYS B 249 0.52 -12.90 -52.72
N LEU B 250 1.78 -12.46 -52.83
CA LEU B 250 2.62 -12.92 -53.93
C LEU B 250 2.81 -14.42 -53.86
N ALA B 251 2.30 -15.14 -54.86
CA ALA B 251 2.35 -16.59 -54.85
C ALA B 251 2.36 -17.09 -56.28
N ARG B 252 2.78 -18.35 -56.44
CA ARG B 252 2.83 -18.96 -57.76
C ARG B 252 1.75 -20.02 -57.91
N LEU B 287 1.38 -2.17 -58.28
CA LEU B 287 0.52 -2.31 -57.12
C LEU B 287 1.30 -2.06 -55.83
N ILE B 288 2.25 -2.95 -55.57
CA ILE B 288 3.03 -2.87 -54.34
C ILE B 288 3.91 -1.64 -54.34
N ASN B 289 4.34 -1.18 -55.52
CA ASN B 289 5.25 -0.04 -55.59
C ASN B 289 4.64 1.21 -54.98
N GLU B 290 3.36 1.48 -55.27
CA GLU B 290 2.70 2.62 -54.65
C GLU B 290 2.65 2.45 -53.14
N SER B 291 2.39 1.23 -52.69
CA SER B 291 2.34 0.97 -51.25
C SER B 291 3.67 1.26 -50.58
N VAL B 292 4.77 0.81 -51.20
CA VAL B 292 6.07 1.02 -50.57
C VAL B 292 6.46 2.49 -50.64
N ALA B 293 6.06 3.20 -51.69
CA ALA B 293 6.31 4.64 -51.72
C ALA B 293 5.58 5.34 -50.60
N LYS B 294 4.31 4.98 -50.38
CA LYS B 294 3.56 5.56 -49.27
C LYS B 294 4.21 5.21 -47.95
N LEU B 295 4.69 3.97 -47.81
CA LEU B 295 5.43 3.57 -46.62
C LEU B 295 6.60 4.50 -46.37
N GLU B 296 7.44 4.72 -47.38
CA GLU B 296 8.62 5.54 -47.19
C GLU B 296 8.21 6.96 -46.80
N THR B 297 7.22 7.51 -47.49
CA THR B 297 6.80 8.89 -47.22
C THR B 297 6.29 9.04 -45.80
N GLU B 298 5.32 8.20 -45.41
CA GLU B 298 4.74 8.34 -44.08
C GLU B 298 5.75 7.98 -43.00
N GLN B 299 6.68 7.08 -43.29
CA GLN B 299 7.71 6.73 -42.32
C GLN B 299 8.62 7.93 -42.07
N LYS B 300 9.06 8.58 -43.14
CA LYS B 300 9.85 9.79 -42.96
C LYS B 300 9.06 10.85 -42.22
N ALA B 301 7.76 10.94 -42.51
CA ALA B 301 6.93 11.94 -41.85
C ALA B 301 6.82 11.67 -40.35
N VAL B 302 6.61 10.42 -39.96
CA VAL B 302 6.33 10.10 -38.56
C VAL B 302 7.55 10.34 -37.70
N LEU B 303 8.74 10.03 -38.21
CA LEU B 303 9.92 10.22 -37.40
C LEU B 303 10.31 11.69 -37.42
N ALA B 304 9.32 12.56 -37.21
CA ALA B 304 9.47 14.00 -37.11
C ALA B 304 8.10 14.59 -36.84
N GLU B 305 8.04 15.70 -36.13
CA GLU B 305 6.81 16.47 -35.95
C GLU B 305 5.68 15.67 -35.32
N LYS B 306 5.94 14.45 -34.87
CA LYS B 306 4.96 13.71 -34.08
C LYS B 306 5.45 13.47 -32.65
N GLN B 307 6.58 12.79 -32.49
CA GLN B 307 7.42 12.85 -31.29
C GLN B 307 6.57 12.96 -30.02
N GLN B 308 5.81 11.90 -29.76
CA GLN B 308 4.83 11.89 -28.69
C GLN B 308 5.46 12.02 -27.31
N THR B 309 4.63 11.95 -26.27
CA THR B 309 5.10 12.21 -24.92
C THR B 309 6.05 11.15 -24.43
N ALA B 310 5.60 9.91 -24.34
CA ALA B 310 6.41 8.86 -23.72
C ALA B 310 7.60 8.49 -24.60
N ALA B 311 8.51 7.73 -24.02
CA ALA B 311 9.70 7.30 -24.73
C ALA B 311 10.26 6.08 -24.02
N VAL B 312 11.30 5.50 -24.61
CA VAL B 312 11.97 4.35 -24.02
C VAL B 312 13.47 4.59 -24.12
N VAL B 313 14.21 4.24 -23.07
CA VAL B 313 15.58 4.69 -22.88
C VAL B 313 16.48 3.51 -22.55
N PHE B 314 17.66 3.48 -23.15
CA PHE B 314 18.60 2.37 -23.02
C PHE B 314 19.87 2.81 -22.31
N PHE B 315 20.30 2.05 -21.32
CA PHE B 315 21.52 2.33 -20.59
C PHE B 315 22.60 1.34 -21.00
N THR B 316 23.85 1.70 -20.70
CA THR B 316 24.96 0.94 -21.26
C THR B 316 25.35 -0.27 -20.43
N THR B 317 24.80 -0.44 -19.24
CA THR B 317 25.11 -1.63 -18.47
C THR B 317 23.87 -2.11 -17.73
N ARG B 318 23.78 -3.44 -17.57
CA ARG B 318 22.58 -4.03 -17.00
C ARG B 318 22.31 -3.51 -15.60
N VAL B 319 23.37 -3.17 -14.86
CA VAL B 319 23.18 -2.67 -13.50
C VAL B 319 22.42 -1.35 -13.53
N ALA B 320 22.85 -0.44 -14.38
CA ALA B 320 22.30 0.91 -14.33
C ALA B 320 20.85 0.94 -14.76
N ALA B 321 20.44 0.09 -15.70
CA ALA B 321 19.05 0.11 -16.15
C ALA B 321 18.11 -0.39 -15.06
N ALA B 322 18.43 -1.55 -14.48
CA ALA B 322 17.61 -2.02 -13.38
C ALA B 322 17.67 -1.11 -12.19
N SER B 323 18.73 -0.31 -12.07
CA SER B 323 18.77 0.68 -11.02
C SER B 323 17.87 1.86 -11.33
N ALA B 324 17.89 2.32 -12.57
CA ALA B 324 17.05 3.45 -12.91
C ALA B 324 15.59 3.11 -12.80
N ALA B 325 15.20 1.94 -13.29
CA ALA B 325 13.79 1.64 -13.40
C ALA B 325 13.11 1.67 -12.05
N GLN B 326 13.75 1.12 -11.03
CA GLN B 326 13.14 1.12 -9.72
C GLN B 326 13.19 2.48 -9.05
N SER B 327 13.85 3.46 -9.66
CA SER B 327 14.11 4.72 -9.00
C SER B 327 13.00 5.74 -9.27
N LEU B 328 13.24 6.98 -8.88
CA LEU B 328 12.34 8.10 -9.14
C LEU B 328 13.14 9.14 -9.91
N HIS B 329 12.47 10.07 -10.58
CA HIS B 329 13.18 10.95 -11.49
C HIS B 329 12.84 12.43 -11.46
N CYS B 330 11.77 12.86 -10.80
CA CYS B 330 11.60 14.30 -10.63
C CYS B 330 10.70 14.56 -9.45
N GLN B 331 10.99 15.62 -8.70
CA GLN B 331 10.29 15.79 -7.44
C GLN B 331 8.90 16.36 -7.69
N MET B 332 8.22 15.82 -8.70
CA MET B 332 6.77 15.91 -8.84
C MET B 332 6.38 14.63 -9.59
N VAL B 333 5.83 13.66 -8.86
CA VAL B 333 5.73 12.32 -9.39
C VAL B 333 4.95 12.27 -10.69
N ASP B 334 4.18 13.31 -11.01
CA ASP B 334 3.35 13.29 -12.21
C ASP B 334 4.12 13.63 -13.47
N LYS B 335 5.44 13.52 -13.45
CA LYS B 335 6.24 13.79 -14.65
C LYS B 335 7.41 12.83 -14.65
N TRP B 336 7.74 12.30 -15.82
CA TRP B 336 8.83 11.35 -15.96
C TRP B 336 8.68 10.11 -15.09
N THR B 337 7.69 9.28 -15.34
CA THR B 337 7.48 8.08 -14.56
C THR B 337 8.19 6.91 -15.22
N VAL B 338 9.45 6.70 -14.83
CA VAL B 338 10.21 5.56 -15.33
C VAL B 338 9.58 4.27 -14.84
N THR B 339 9.79 3.18 -15.57
CA THR B 339 9.29 1.87 -15.16
C THR B 339 10.09 0.82 -15.90
N GLU B 340 10.28 -0.34 -15.27
CA GLU B 340 11.02 -1.42 -15.90
C GLU B 340 10.47 -1.68 -17.29
N ALA B 341 11.29 -1.45 -18.30
CA ALA B 341 10.80 -1.53 -19.67
C ALA B 341 10.32 -2.95 -19.95
N PRO B 342 9.12 -3.12 -20.47
CA PRO B 342 8.62 -4.45 -20.77
C PRO B 342 9.44 -5.12 -21.87
N GLU B 343 9.09 -6.37 -22.11
CA GLU B 343 9.70 -7.16 -23.16
C GLU B 343 9.39 -6.56 -24.52
N PRO B 344 10.25 -6.78 -25.52
CA PRO B 344 10.00 -6.15 -26.83
C PRO B 344 8.68 -6.50 -27.44
N ARG B 345 8.25 -7.75 -27.32
CA ARG B 345 7.08 -8.19 -28.05
C ARG B 345 5.81 -7.99 -27.25
N GLN B 346 5.87 -7.29 -26.13
CA GLN B 346 4.65 -6.97 -25.41
C GLN B 346 4.65 -5.54 -24.93
N LEU B 347 5.30 -4.64 -25.65
CA LEU B 347 5.43 -3.28 -25.14
C LEU B 347 4.15 -2.49 -25.35
N LEU B 348 3.30 -2.89 -26.28
CA LEU B 348 1.99 -2.30 -26.45
C LEU B 348 2.10 -0.80 -26.73
N TRP B 349 2.66 -0.51 -27.90
CA TRP B 349 3.02 0.85 -28.29
C TRP B 349 1.84 1.81 -28.37
N GLN B 350 0.63 1.34 -28.10
CA GLN B 350 -0.53 2.20 -28.28
C GLN B 350 -0.77 3.11 -27.08
N ASN B 351 -0.60 2.61 -25.87
CA ASN B 351 -1.10 3.29 -24.70
C ASN B 351 -0.08 4.18 -24.02
N LEU B 352 1.10 4.35 -24.60
CA LEU B 352 2.11 5.16 -23.93
C LEU B 352 1.69 6.62 -23.80
N ASN B 353 1.09 7.19 -24.84
CA ASN B 353 0.86 8.64 -24.90
C ASN B 353 -0.30 9.05 -24.00
N ILE B 354 -0.15 8.77 -22.71
CA ILE B 354 -1.19 9.05 -21.74
C ILE B 354 -0.54 9.64 -20.49
N LYS B 355 -1.01 10.80 -20.07
CA LYS B 355 -0.49 11.47 -18.88
C LYS B 355 -1.00 10.75 -17.64
N LEU B 356 -0.69 11.28 -16.46
CA LEU B 356 -1.00 10.56 -15.23
C LEU B 356 -2.43 10.80 -14.74
N PHE B 357 -3.08 11.88 -15.13
CA PHE B 357 -4.51 11.97 -14.89
C PHE B 357 -5.31 11.08 -15.81
N SER B 358 -4.94 11.02 -17.09
CA SER B 358 -5.76 10.26 -18.03
C SER B 358 -5.82 8.79 -17.65
N ARG B 359 -4.71 8.25 -17.14
CA ARG B 359 -4.73 6.87 -16.68
C ARG B 359 -5.75 6.68 -15.57
N ILE B 360 -5.74 7.57 -14.57
CA ILE B 360 -6.63 7.38 -13.42
C ILE B 360 -8.08 7.61 -13.79
N ILE B 361 -8.36 8.67 -14.56
CA ILE B 361 -9.73 8.93 -14.98
C ILE B 361 -10.25 7.75 -15.79
N ARG B 362 -9.45 7.28 -16.74
CA ARG B 362 -9.86 6.12 -17.51
C ARG B 362 -10.10 4.94 -16.60
N GLN B 363 -9.22 4.73 -15.63
CA GLN B 363 -9.33 3.54 -14.78
C GLN B 363 -10.62 3.55 -13.99
N TYR B 364 -10.98 4.70 -13.42
CA TYR B 364 -12.19 4.70 -12.60
C TYR B 364 -13.43 4.61 -13.46
N PHE B 365 -13.42 5.21 -14.66
CA PHE B 365 -14.54 4.98 -15.55
C PHE B 365 -14.66 3.50 -15.89
N ILE B 366 -13.53 2.82 -16.04
CA ILE B 366 -13.56 1.39 -16.37
C ILE B 366 -14.12 0.58 -15.23
N TYR B 367 -13.72 0.86 -14.00
CA TYR B 367 -14.30 0.12 -12.90
C TYR B 367 -15.79 0.39 -12.76
N PHE B 368 -16.23 1.62 -12.97
CA PHE B 368 -17.68 1.87 -12.93
C PHE B 368 -18.38 1.06 -14.00
N PHE B 369 -17.82 1.01 -15.21
CA PHE B 369 -18.46 0.26 -16.27
C PHE B 369 -18.44 -1.23 -16.00
N VAL B 370 -17.38 -1.73 -15.37
CA VAL B 370 -17.35 -3.14 -14.99
C VAL B 370 -18.44 -3.44 -13.98
N ALA B 371 -18.66 -2.55 -13.02
CA ALA B 371 -19.74 -2.77 -12.07
C ALA B 371 -21.09 -2.82 -12.78
N VAL B 372 -21.30 -1.88 -13.72
CA VAL B 372 -22.56 -1.85 -14.43
C VAL B 372 -22.77 -3.15 -15.19
N THR B 373 -21.74 -3.63 -15.88
CA THR B 373 -21.92 -4.86 -16.65
C THR B 373 -22.03 -6.06 -15.74
N ILE B 374 -21.45 -5.99 -14.54
CA ILE B 374 -21.67 -7.04 -13.57
C ILE B 374 -23.16 -7.15 -13.28
N LEU B 375 -23.80 -6.02 -13.01
CA LEU B 375 -25.23 -6.06 -12.74
C LEU B 375 -25.99 -6.57 -13.96
N PHE B 376 -25.62 -6.10 -15.16
CA PHE B 376 -26.36 -6.48 -16.36
C PHE B 376 -26.14 -7.94 -16.76
N TYR B 377 -25.15 -8.62 -16.20
CA TYR B 377 -25.18 -10.08 -16.28
C TYR B 377 -25.90 -10.71 -15.12
N MET B 378 -25.76 -10.16 -13.92
CA MET B 378 -26.21 -10.91 -12.76
C MET B 378 -27.72 -10.90 -12.65
N ILE B 379 -28.38 -9.93 -13.25
CA ILE B 379 -29.84 -10.01 -13.30
C ILE B 379 -30.27 -11.10 -14.28
N PRO B 380 -30.09 -10.93 -15.60
CA PRO B 380 -30.79 -11.81 -16.53
C PRO B 380 -30.13 -13.18 -16.65
N ILE B 381 -28.81 -13.21 -16.65
CA ILE B 381 -28.12 -14.48 -16.85
C ILE B 381 -28.30 -15.36 -15.62
N ALA B 382 -28.23 -14.78 -14.43
CA ALA B 382 -28.49 -15.56 -13.24
C ALA B 382 -29.96 -15.98 -13.15
N PHE B 383 -30.88 -15.12 -13.59
CA PHE B 383 -32.26 -15.56 -13.72
C PHE B 383 -32.36 -16.83 -14.58
N VAL B 384 -31.72 -16.81 -15.75
CA VAL B 384 -31.79 -17.95 -16.64
C VAL B 384 -31.14 -19.17 -16.00
N SER B 385 -30.00 -18.97 -15.34
CA SER B 385 -29.30 -20.07 -14.70
C SER B 385 -30.08 -20.65 -13.53
N ALA B 386 -30.97 -19.88 -12.94
CA ALA B 386 -31.81 -20.38 -11.85
C ALA B 386 -32.95 -21.24 -12.33
N ILE B 387 -32.90 -21.72 -13.59
CA ILE B 387 -34.00 -22.53 -14.10
C ILE B 387 -34.08 -23.86 -13.36
N THR B 388 -32.94 -24.40 -12.94
CA THR B 388 -32.90 -25.64 -12.17
C THR B 388 -31.50 -25.90 -11.63
N ARG B 410 -38.08 -36.32 -20.07
CA ARG B 410 -38.22 -35.29 -21.09
C ARG B 410 -37.51 -34.01 -20.68
N THR B 411 -37.19 -33.91 -19.39
CA THR B 411 -36.57 -32.72 -18.83
C THR B 411 -35.04 -32.75 -18.94
N VAL B 412 -34.47 -33.81 -19.51
CA VAL B 412 -33.02 -33.92 -19.57
C VAL B 412 -32.43 -32.83 -20.47
N LEU B 413 -33.11 -32.53 -21.57
CA LEU B 413 -32.66 -31.44 -22.42
C LEU B 413 -32.70 -30.12 -21.66
N GLU B 414 -33.74 -29.93 -20.85
CA GLU B 414 -33.80 -28.76 -19.98
C GLU B 414 -32.66 -28.78 -18.97
N SER B 415 -32.16 -29.95 -18.61
CA SER B 415 -31.04 -30.02 -17.67
C SER B 415 -29.73 -29.64 -18.34
N PHE B 416 -29.54 -30.04 -19.60
CA PHE B 416 -28.30 -29.70 -20.29
C PHE B 416 -28.28 -28.26 -20.77
N LEU B 417 -29.43 -27.71 -21.18
CA LEU B 417 -29.43 -26.40 -21.83
C LEU B 417 -28.80 -25.29 -21.00
N PRO B 418 -29.15 -25.08 -19.73
CA PRO B 418 -28.60 -23.91 -19.03
C PRO B 418 -27.11 -24.02 -18.77
N GLN B 419 -26.56 -25.25 -18.81
CA GLN B 419 -25.13 -25.40 -18.65
C GLN B 419 -24.39 -24.67 -19.77
N ILE B 420 -24.65 -25.07 -21.01
CA ILE B 420 -24.01 -24.39 -22.13
C ILE B 420 -24.50 -22.96 -22.24
N ALA B 421 -25.69 -22.67 -21.72
CA ALA B 421 -26.14 -21.28 -21.70
C ALA B 421 -25.20 -20.42 -20.87
N LEU B 422 -24.84 -20.90 -19.68
CA LEU B 422 -23.84 -20.19 -18.90
C LEU B 422 -22.49 -20.19 -19.59
N ILE B 423 -22.13 -21.29 -20.25
CA ILE B 423 -20.84 -21.34 -20.93
C ILE B 423 -20.75 -20.28 -22.01
N VAL B 424 -21.85 -20.01 -22.71
CA VAL B 424 -21.77 -18.97 -23.75
C VAL B 424 -21.93 -17.58 -23.14
N PHE B 425 -22.68 -17.46 -22.04
CA PHE B 425 -22.92 -16.14 -21.46
C PHE B 425 -21.71 -15.68 -20.66
N LEU B 426 -20.81 -16.61 -20.32
CA LEU B 426 -19.62 -16.32 -19.55
C LEU B 426 -18.34 -16.67 -20.29
N ALA B 427 -18.46 -17.36 -21.42
CA ALA B 427 -17.29 -17.68 -22.23
C ALA B 427 -16.83 -16.49 -23.03
N MET B 428 -17.76 -15.63 -23.43
CA MET B 428 -17.39 -14.28 -23.75
C MET B 428 -16.90 -13.59 -22.50
N LEU B 429 -16.42 -12.39 -22.66
CA LEU B 429 -15.95 -11.57 -21.56
C LEU B 429 -14.78 -12.18 -20.79
N PRO B 430 -13.80 -12.83 -21.45
CA PRO B 430 -12.41 -12.50 -21.18
C PRO B 430 -11.95 -11.49 -22.20
N LYS B 431 -12.57 -11.54 -23.37
CA LYS B 431 -12.16 -10.67 -24.46
C LYS B 431 -12.57 -9.24 -24.19
N LEU B 432 -13.81 -9.03 -23.75
CA LEU B 432 -14.23 -7.66 -23.47
C LEU B 432 -13.47 -7.09 -22.28
N LEU B 433 -13.22 -7.90 -21.26
CA LEU B 433 -12.42 -7.42 -20.14
C LEU B 433 -11.00 -7.10 -20.55
N LEU B 434 -10.42 -7.91 -21.44
CA LEU B 434 -9.06 -7.63 -21.86
C LEU B 434 -9.00 -6.36 -22.71
N PHE B 435 -9.95 -6.19 -23.63
CA PHE B 435 -10.03 -4.93 -24.37
C PHE B 435 -10.17 -3.76 -23.42
N LEU B 436 -11.12 -3.84 -22.51
CA LEU B 436 -11.42 -2.72 -21.64
C LEU B 436 -10.22 -2.39 -20.79
N SER B 437 -9.55 -3.42 -20.26
CA SER B 437 -8.41 -3.21 -19.39
C SER B 437 -7.22 -2.66 -20.15
N LYS B 438 -6.91 -3.22 -21.31
CA LYS B 438 -5.80 -2.68 -22.08
C LYS B 438 -6.09 -1.27 -22.55
N ALA B 439 -7.33 -0.82 -22.46
CA ALA B 439 -7.67 0.56 -22.75
C ALA B 439 -7.53 1.46 -21.54
N GLU B 440 -7.09 0.93 -20.41
CA GLU B 440 -6.82 1.75 -19.24
C GLU B 440 -5.38 2.21 -19.20
N GLY B 441 -4.65 2.07 -20.29
CA GLY B 441 -3.29 2.55 -20.36
C GLY B 441 -2.24 1.60 -19.84
N ILE B 442 -2.62 0.39 -19.44
CA ILE B 442 -1.69 -0.61 -18.96
C ILE B 442 -0.63 -0.81 -20.04
N PRO B 443 0.61 -0.41 -19.81
CA PRO B 443 1.56 -0.36 -20.90
C PRO B 443 2.32 -1.63 -21.15
N SER B 444 1.65 -2.79 -21.12
CA SER B 444 2.31 -4.04 -21.44
C SER B 444 1.27 -5.14 -21.46
N GLN B 445 1.38 -6.04 -22.43
CA GLN B 445 0.45 -7.15 -22.47
C GLN B 445 0.58 -8.01 -21.23
N SER B 446 1.81 -8.16 -20.74
CA SER B 446 2.05 -8.98 -19.57
C SER B 446 1.29 -8.48 -18.36
N HIS B 447 0.83 -7.23 -18.38
CA HIS B 447 -0.01 -6.70 -17.32
C HIS B 447 -1.46 -6.59 -17.71
N ALA B 448 -1.76 -6.41 -19.00
CA ALA B 448 -3.15 -6.39 -19.41
C ALA B 448 -3.80 -7.73 -19.14
N ILE B 449 -3.08 -8.81 -19.39
CA ILE B 449 -3.60 -10.15 -19.09
C ILE B 449 -3.93 -10.26 -17.61
N ARG B 450 -3.02 -9.79 -16.76
CA ARG B 450 -3.23 -9.87 -15.31
C ARG B 450 -4.42 -9.03 -14.88
N ALA B 451 -4.56 -7.82 -15.41
CA ALA B 451 -5.70 -7.00 -15.03
C ALA B 451 -7.00 -7.62 -15.46
N ALA B 452 -7.04 -8.18 -16.67
CA ALA B 452 -8.26 -8.86 -17.09
C ALA B 452 -8.56 -10.03 -16.17
N SER B 453 -7.53 -10.77 -15.75
CA SER B 453 -7.79 -11.86 -14.83
C SER B 453 -8.38 -11.36 -13.52
N GLY B 454 -7.90 -10.22 -13.04
CA GLY B 454 -8.47 -9.68 -11.82
C GLY B 454 -9.94 -9.34 -11.97
N LYS B 455 -10.27 -8.65 -13.06
CA LYS B 455 -11.67 -8.29 -13.27
C LYS B 455 -12.52 -9.54 -13.42
N TYR B 456 -11.98 -10.56 -14.07
CA TYR B 456 -12.72 -11.81 -14.22
C TYR B 456 -12.93 -12.50 -12.89
N PHE B 457 -11.98 -12.40 -11.98
CA PHE B 457 -12.17 -12.97 -10.66
C PHE B 457 -13.30 -12.26 -9.92
N TYR B 458 -13.38 -10.94 -10.05
CA TYR B 458 -14.54 -10.25 -9.48
C TYR B 458 -15.84 -10.74 -10.09
N PHE B 459 -15.84 -11.00 -11.39
CA PHE B 459 -17.06 -11.58 -11.97
C PHE B 459 -17.37 -12.94 -11.35
N SER B 460 -16.33 -13.75 -11.14
CA SER B 460 -16.53 -15.13 -10.69
C SER B 460 -17.07 -15.19 -9.27
N VAL B 461 -16.51 -14.39 -8.36
CA VAL B 461 -16.96 -14.43 -6.98
C VAL B 461 -18.42 -14.07 -6.89
N PHE B 462 -18.82 -13.01 -7.58
CA PHE B 462 -20.21 -12.61 -7.51
C PHE B 462 -21.10 -13.54 -8.30
N ASN B 463 -20.54 -14.24 -9.30
CA ASN B 463 -21.26 -15.37 -9.90
C ASN B 463 -21.68 -16.37 -8.86
N VAL B 464 -20.70 -16.96 -8.16
CA VAL B 464 -21.03 -17.89 -7.07
C VAL B 464 -22.07 -17.29 -6.16
N PHE B 465 -21.74 -16.14 -5.56
CA PHE B 465 -22.57 -15.55 -4.52
C PHE B 465 -24.01 -15.36 -5.02
N ILE B 466 -24.17 -14.51 -6.03
CA ILE B 466 -25.51 -14.14 -6.48
C ILE B 466 -26.22 -15.32 -7.13
N GLY B 467 -25.51 -16.13 -7.91
CA GLY B 467 -26.15 -17.26 -8.55
C GLY B 467 -26.77 -18.20 -7.54
N VAL B 468 -26.01 -18.59 -6.51
CA VAL B 468 -26.58 -19.49 -5.52
C VAL B 468 -27.68 -18.81 -4.73
N THR B 469 -27.49 -17.55 -4.35
CA THR B 469 -28.51 -16.89 -3.54
C THR B 469 -29.82 -16.78 -4.30
N LEU B 470 -29.75 -16.35 -5.55
CA LEU B 470 -30.96 -16.15 -6.33
C LEU B 470 -31.60 -17.48 -6.69
N ALA B 471 -30.78 -18.50 -6.99
CA ALA B 471 -31.35 -19.81 -7.25
C ALA B 471 -32.08 -20.33 -6.03
N GLY B 472 -31.49 -20.18 -4.83
CA GLY B 472 -32.17 -20.62 -3.63
C GLY B 472 -33.46 -19.88 -3.39
N THR B 473 -33.44 -18.56 -3.55
CA THR B 473 -34.64 -17.77 -3.32
C THR B 473 -35.75 -18.16 -4.28
N LEU B 474 -35.44 -18.24 -5.57
CA LEU B 474 -36.45 -18.65 -6.54
C LEU B 474 -36.84 -20.11 -6.39
N PHE B 475 -36.03 -20.89 -5.68
CA PHE B 475 -36.43 -22.24 -5.30
C PHE B 475 -37.47 -22.22 -4.18
N ASN B 476 -37.30 -21.35 -3.19
CA ASN B 476 -38.16 -21.41 -2.02
C ASN B 476 -39.52 -20.75 -2.29
N THR B 477 -39.53 -19.46 -2.56
CA THR B 477 -40.77 -18.73 -2.77
C THR B 477 -40.52 -17.41 -3.47
N ASP B 488 -38.82 -20.40 7.65
CA ASP B 488 -37.93 -19.57 8.44
C ASP B 488 -36.52 -19.69 7.87
N MET B 489 -35.50 -19.42 8.69
CA MET B 489 -34.13 -19.48 8.20
C MET B 489 -33.67 -20.90 7.93
N ILE B 490 -34.29 -21.90 8.55
CA ILE B 490 -33.88 -23.29 8.32
C ILE B 490 -34.13 -23.68 6.86
N ILE B 491 -35.26 -23.25 6.31
CA ILE B 491 -35.54 -23.49 4.90
C ILE B 491 -34.49 -22.81 4.04
N ASN B 492 -34.10 -21.60 4.42
CA ASN B 492 -33.05 -20.88 3.69
C ASN B 492 -31.76 -21.69 3.71
N LEU B 493 -31.42 -22.27 4.86
CA LEU B 493 -30.21 -23.08 4.95
C LEU B 493 -30.30 -24.30 4.04
N LEU B 494 -31.43 -24.99 4.07
CA LEU B 494 -31.58 -26.19 3.24
C LEU B 494 -31.42 -25.84 1.77
N ALA B 495 -32.04 -24.74 1.34
CA ALA B 495 -31.99 -24.36 -0.06
C ALA B 495 -30.61 -23.86 -0.47
N THR B 496 -29.92 -23.14 0.42
CA THR B 496 -28.58 -22.68 0.06
C THR B 496 -27.58 -23.81 0.08
N SER B 497 -27.86 -24.88 0.80
CA SER B 497 -26.91 -25.99 0.79
C SER B 497 -27.15 -26.91 -0.39
N LEU B 498 -28.29 -27.60 -0.39
CA LEU B 498 -28.34 -28.77 -1.26
C LEU B 498 -28.53 -28.45 -2.75
N PRO B 499 -29.63 -27.81 -3.17
CA PRO B 499 -29.96 -27.82 -4.60
C PRO B 499 -28.92 -27.16 -5.48
N LYS B 500 -28.60 -25.89 -5.19
CA LYS B 500 -27.74 -25.13 -6.08
C LYS B 500 -26.40 -25.81 -6.26
N SER B 501 -25.73 -26.10 -5.15
CA SER B 501 -24.48 -26.84 -5.22
C SER B 501 -24.68 -28.16 -5.95
N ALA B 502 -25.44 -29.05 -5.33
CA ALA B 502 -25.48 -30.45 -5.75
C ALA B 502 -25.82 -30.62 -7.20
N THR B 503 -26.62 -29.74 -7.78
CA THR B 503 -26.89 -29.88 -9.20
C THR B 503 -25.89 -29.04 -10.00
N PHE B 504 -25.98 -27.71 -9.88
CA PHE B 504 -25.27 -26.88 -10.84
C PHE B 504 -23.78 -26.85 -10.56
N PHE B 505 -23.40 -26.61 -9.30
CA PHE B 505 -21.98 -26.46 -9.01
C PHE B 505 -21.26 -27.79 -9.13
N LEU B 506 -21.96 -28.88 -8.85
CA LEU B 506 -21.38 -30.20 -9.07
C LEU B 506 -21.17 -30.48 -10.55
N THR B 507 -22.15 -30.16 -11.38
CA THR B 507 -22.04 -30.59 -12.76
C THR B 507 -21.30 -29.60 -13.65
N TYR B 508 -21.22 -28.34 -13.26
CA TYR B 508 -20.58 -27.36 -14.12
C TYR B 508 -19.10 -27.67 -14.27
N VAL B 509 -18.45 -28.06 -13.18
CA VAL B 509 -17.07 -28.47 -13.26
C VAL B 509 -16.94 -29.66 -14.21
N ALA B 510 -17.89 -30.59 -14.13
CA ALA B 510 -17.90 -31.69 -15.07
C ALA B 510 -18.00 -31.21 -16.51
N LEU B 511 -18.74 -30.14 -16.74
CA LEU B 511 -18.70 -29.49 -18.04
C LEU B 511 -17.38 -28.78 -18.30
N LYS B 512 -16.58 -28.53 -17.26
CA LYS B 512 -15.27 -27.93 -17.50
C LYS B 512 -14.18 -28.99 -17.63
N PHE B 513 -14.20 -30.00 -16.77
CA PHE B 513 -13.53 -31.25 -17.09
C PHE B 513 -14.51 -31.99 -17.99
N PHE B 514 -14.59 -33.31 -17.90
CA PHE B 514 -14.54 -34.21 -19.04
C PHE B 514 -14.76 -33.57 -20.41
N ILE B 515 -15.86 -32.88 -20.66
CA ILE B 515 -16.03 -32.36 -22.02
C ILE B 515 -15.01 -31.27 -22.31
N GLY B 516 -14.68 -30.44 -21.32
CA GLY B 516 -13.78 -29.33 -21.55
C GLY B 516 -12.34 -29.73 -21.77
N TYR B 517 -11.69 -30.26 -20.73
CA TYR B 517 -10.33 -30.73 -20.92
C TYR B 517 -10.26 -31.82 -21.97
N GLY B 518 -11.36 -32.55 -22.15
CA GLY B 518 -11.39 -33.57 -23.20
C GLY B 518 -11.27 -32.96 -24.58
N LEU B 519 -12.02 -31.92 -24.85
CA LEU B 519 -11.86 -31.21 -26.12
C LEU B 519 -10.48 -30.58 -26.19
N GLU B 520 -9.97 -30.11 -25.06
CA GLU B 520 -8.70 -29.38 -25.08
C GLU B 520 -7.53 -30.29 -25.42
N LEU B 521 -7.51 -31.52 -24.90
CA LEU B 521 -6.35 -32.35 -25.13
C LEU B 521 -6.26 -32.77 -26.59
N SER B 522 -7.35 -33.31 -27.13
CA SER B 522 -7.30 -33.87 -28.46
C SER B 522 -6.97 -32.80 -29.49
N ARG B 523 -7.29 -31.56 -29.18
CA ARG B 523 -7.22 -30.47 -30.15
C ARG B 523 -7.95 -30.89 -31.42
N ILE B 524 -9.13 -31.48 -31.24
CA ILE B 524 -9.87 -31.98 -32.39
C ILE B 524 -10.24 -30.83 -33.32
N ILE B 525 -10.70 -29.71 -32.77
CA ILE B 525 -11.16 -28.64 -33.64
C ILE B 525 -9.98 -27.94 -34.30
N PRO B 526 -8.83 -27.75 -33.65
CA PRO B 526 -7.67 -27.31 -34.45
C PRO B 526 -7.30 -28.31 -35.51
N LEU B 527 -7.45 -29.61 -35.24
CA LEU B 527 -7.12 -30.61 -36.26
C LEU B 527 -8.02 -30.45 -37.47
N ILE B 528 -9.33 -30.30 -37.25
CA ILE B 528 -10.25 -30.19 -38.37
C ILE B 528 -10.01 -28.90 -39.13
N ILE B 529 -9.76 -27.79 -38.43
CA ILE B 529 -9.57 -26.54 -39.16
C ILE B 529 -8.24 -26.58 -39.93
N PHE B 530 -7.22 -27.20 -39.36
CA PHE B 530 -5.94 -27.30 -40.07
C PHE B 530 -6.10 -28.12 -41.34
N HIS B 531 -6.76 -29.27 -41.24
CA HIS B 531 -6.90 -30.12 -42.41
C HIS B 531 -7.80 -29.47 -43.45
N LEU B 532 -8.84 -28.76 -43.01
CA LEU B 532 -9.66 -28.01 -43.96
C LEU B 532 -8.83 -26.93 -44.64
N LYS B 533 -7.93 -26.29 -43.90
CA LYS B 533 -7.06 -25.29 -44.51
C LYS B 533 -6.17 -25.93 -45.57
N LYS B 534 -5.69 -27.13 -45.32
CA LYS B 534 -4.83 -27.79 -46.30
C LYS B 534 -5.61 -28.11 -47.57
N LYS B 535 -6.79 -28.70 -47.43
CA LYS B 535 -7.58 -29.06 -48.61
C LYS B 535 -8.04 -27.81 -49.35
N TYR B 536 -8.64 -26.87 -48.64
CA TYR B 536 -9.11 -25.63 -49.23
C TYR B 536 -7.92 -24.70 -49.42
N LEU B 537 -8.20 -23.42 -49.64
CA LEU B 537 -7.14 -22.44 -49.90
C LEU B 537 -6.06 -22.50 -48.83
N CYS B 538 -4.87 -22.92 -49.26
CA CYS B 538 -3.72 -23.05 -48.39
C CYS B 538 -2.82 -21.83 -48.57
N LYS B 539 -1.71 -21.82 -47.82
CA LYS B 539 -0.72 -20.75 -47.93
C LYS B 539 0.44 -21.13 -48.86
N THR B 540 0.25 -22.12 -49.73
CA THR B 540 1.23 -22.50 -50.74
C THR B 540 2.58 -22.82 -50.09
N GLU B 541 2.55 -23.90 -49.30
CA GLU B 541 3.71 -24.45 -48.61
C GLU B 541 4.13 -23.56 -47.44
N ALA B 542 3.49 -22.40 -47.30
CA ALA B 542 3.64 -21.61 -46.08
C ALA B 542 2.54 -22.05 -45.13
N GLU B 543 2.36 -23.36 -45.03
CA GLU B 543 1.41 -23.92 -44.07
C GLU B 543 1.87 -23.70 -42.65
N VAL B 544 3.18 -23.65 -42.42
CA VAL B 544 3.69 -23.22 -41.13
C VAL B 544 3.27 -21.79 -40.87
N LYS B 545 3.40 -20.92 -41.88
CA LYS B 545 2.89 -19.56 -41.77
C LYS B 545 1.40 -19.60 -42.08
N GLU B 546 0.70 -20.50 -41.41
CA GLU B 546 -0.71 -20.76 -41.64
C GLU B 546 -1.22 -21.47 -40.39
N ALA B 547 -2.33 -22.19 -40.51
CA ALA B 547 -2.93 -22.80 -39.34
C ALA B 547 -2.02 -23.90 -38.85
N TRP B 548 -0.86 -23.49 -38.35
CA TRP B 548 0.16 -24.37 -37.84
C TRP B 548 0.58 -23.94 -36.45
N TYR B 549 0.63 -22.64 -36.22
CA TYR B 549 1.28 -22.07 -35.07
C TYR B 549 0.31 -22.06 -33.89
N PRO B 550 0.61 -22.76 -32.82
CA PRO B 550 -0.21 -22.66 -31.62
C PRO B 550 0.05 -21.33 -30.93
N GLY B 551 -0.94 -20.88 -30.18
CA GLY B 551 -0.80 -19.68 -29.39
C GLY B 551 0.06 -19.94 -28.17
N ASP B 552 0.12 -18.94 -27.30
CA ASP B 552 0.62 -19.22 -25.97
C ASP B 552 -0.40 -20.08 -25.23
N LEU B 553 0.00 -20.60 -24.08
CA LEU B 553 -0.98 -21.33 -23.27
C LEU B 553 -2.15 -20.43 -22.91
N SER B 554 -2.10 -19.16 -23.29
CA SER B 554 -3.17 -18.20 -23.06
C SER B 554 -3.48 -18.08 -21.58
N TYR B 555 -2.49 -17.62 -20.83
CA TYR B 555 -2.68 -17.57 -19.39
C TYR B 555 -3.55 -16.37 -19.09
N ALA B 556 -4.66 -16.27 -19.81
CA ALA B 556 -5.67 -15.23 -19.62
C ALA B 556 -7.07 -15.78 -19.61
N THR B 557 -7.30 -16.92 -20.23
CA THR B 557 -8.54 -17.65 -20.10
C THR B 557 -8.35 -19.00 -19.42
N ARG B 558 -7.11 -19.44 -19.23
CA ARG B 558 -6.83 -20.65 -18.48
C ARG B 558 -6.64 -20.36 -17.00
N VAL B 559 -6.06 -19.23 -16.64
CA VAL B 559 -5.93 -18.89 -15.23
C VAL B 559 -7.31 -18.62 -14.65
N PRO B 560 -8.00 -17.55 -15.02
CA PRO B 560 -9.25 -17.25 -14.32
C PRO B 560 -10.31 -18.27 -14.58
N GLY B 561 -10.29 -18.89 -15.76
CA GLY B 561 -11.22 -19.97 -16.03
C GLY B 561 -11.05 -21.13 -15.07
N ASP B 562 -9.81 -21.51 -14.81
CA ASP B 562 -9.54 -22.53 -13.81
C ASP B 562 -9.27 -21.91 -12.45
N MET B 563 -10.12 -20.93 -12.11
CA MET B 563 -10.22 -20.44 -10.75
C MET B 563 -11.64 -20.14 -10.33
N LEU B 564 -12.54 -19.89 -11.28
CA LEU B 564 -13.97 -19.97 -11.00
C LEU B 564 -14.28 -21.24 -10.22
N ILE B 565 -13.72 -22.36 -10.66
CA ILE B 565 -14.04 -23.59 -9.98
C ILE B 565 -13.24 -23.74 -8.70
N LEU B 566 -12.10 -23.09 -8.58
CA LEU B 566 -11.44 -23.04 -7.29
C LEU B 566 -12.30 -22.34 -6.24
N THR B 567 -12.88 -21.22 -6.61
CA THR B 567 -13.75 -20.52 -5.67
C THR B 567 -15.01 -21.33 -5.38
N ILE B 568 -15.66 -21.84 -6.43
CA ILE B 568 -16.87 -22.60 -6.23
C ILE B 568 -16.57 -23.91 -5.51
N THR B 569 -15.29 -24.27 -5.39
CA THR B 569 -14.86 -25.44 -4.63
C THR B 569 -14.56 -25.13 -3.17
N PHE B 570 -13.76 -24.09 -2.91
CA PHE B 570 -13.50 -23.71 -1.52
C PHE B 570 -14.80 -23.34 -0.81
N CYS B 571 -15.66 -22.58 -1.48
CA CYS B 571 -16.85 -22.09 -0.80
C CYS B 571 -17.71 -23.24 -0.29
N TYR B 572 -17.88 -24.29 -1.09
CA TYR B 572 -18.74 -25.40 -0.69
C TYR B 572 -17.93 -26.57 -0.16
N SER B 573 -16.67 -26.34 0.20
CA SER B 573 -15.78 -27.45 0.51
C SER B 573 -16.31 -28.28 1.65
N VAL B 574 -16.83 -27.64 2.70
CA VAL B 574 -17.39 -28.41 3.80
C VAL B 574 -18.91 -28.45 3.75
N ILE B 575 -19.54 -27.65 2.90
CA ILE B 575 -20.99 -27.78 2.74
C ILE B 575 -21.34 -29.10 2.10
N ALA B 576 -20.55 -29.53 1.12
CA ALA B 576 -20.79 -30.79 0.42
C ALA B 576 -19.48 -31.30 -0.12
N PRO B 577 -18.79 -32.18 0.62
CA PRO B 577 -17.50 -32.69 0.17
C PRO B 577 -17.53 -33.35 -1.20
N LEU B 578 -18.70 -33.56 -1.78
CA LEU B 578 -18.75 -34.13 -3.11
C LEU B 578 -18.04 -33.23 -4.11
N ILE B 579 -18.26 -31.92 -4.05
CA ILE B 579 -17.53 -31.12 -5.00
C ILE B 579 -16.06 -31.13 -4.64
N LEU B 580 -15.73 -31.44 -3.39
CA LEU B 580 -14.31 -31.52 -3.07
C LEU B 580 -13.67 -32.64 -3.86
N ILE B 581 -14.34 -33.79 -3.96
CA ILE B 581 -13.79 -34.84 -4.80
C ILE B 581 -13.80 -34.42 -6.26
N PHE B 582 -14.83 -33.69 -6.68
CA PHE B 582 -14.87 -33.25 -8.07
C PHE B 582 -13.73 -32.28 -8.38
N GLY B 583 -13.46 -31.34 -7.49
CA GLY B 583 -12.39 -30.39 -7.72
C GLY B 583 -11.03 -31.07 -7.71
N ILE B 584 -10.82 -32.01 -6.80
CA ILE B 584 -9.53 -32.67 -6.77
C ILE B 584 -9.32 -33.44 -8.06
N THR B 585 -10.35 -34.12 -8.56
CA THR B 585 -10.14 -34.83 -9.82
C THR B 585 -10.02 -33.87 -10.98
N TYR B 586 -10.66 -32.70 -10.90
CA TYR B 586 -10.48 -31.71 -11.95
C TYR B 586 -9.04 -31.31 -12.05
N PHE B 587 -8.44 -30.93 -10.93
CA PHE B 587 -7.09 -30.41 -11.01
C PHE B 587 -6.09 -31.51 -11.33
N GLY B 588 -6.40 -32.75 -10.95
CA GLY B 588 -5.56 -33.84 -11.41
C GLY B 588 -5.56 -33.98 -12.91
N LEU B 589 -6.75 -34.06 -13.51
CA LEU B 589 -6.81 -34.16 -14.97
C LEU B 589 -6.19 -32.94 -15.62
N GLY B 590 -6.39 -31.77 -15.03
CA GLY B 590 -5.82 -30.57 -15.60
C GLY B 590 -4.30 -30.60 -15.60
N TRP B 591 -3.71 -31.00 -14.48
CA TRP B 591 -2.26 -31.15 -14.42
C TRP B 591 -1.79 -32.08 -15.51
N LEU B 592 -2.43 -33.23 -15.65
CA LEU B 592 -1.96 -34.21 -16.62
C LEU B 592 -2.07 -33.68 -18.05
N VAL B 593 -3.26 -33.24 -18.45
CA VAL B 593 -3.46 -32.86 -19.84
C VAL B 593 -2.65 -31.61 -20.16
N LEU B 594 -2.54 -30.70 -19.20
CA LEU B 594 -1.85 -29.46 -19.49
C LEU B 594 -0.35 -29.68 -19.51
N ARG B 595 0.16 -30.64 -18.74
CA ARG B 595 1.56 -31.01 -18.89
C ARG B 595 1.82 -31.56 -20.27
N ASN B 596 0.91 -32.41 -20.75
CA ASN B 596 1.06 -32.89 -22.11
C ASN B 596 1.12 -31.73 -23.09
N GLN B 597 0.15 -30.82 -23.00
CA GLN B 597 0.07 -29.74 -23.96
C GLN B 597 1.29 -28.82 -23.87
N ALA B 598 1.76 -28.54 -22.66
CA ALA B 598 2.92 -27.67 -22.51
C ALA B 598 4.19 -28.33 -23.03
N LEU B 599 4.32 -29.63 -22.88
CA LEU B 599 5.51 -30.31 -23.38
C LEU B 599 5.48 -30.52 -24.88
N LYS B 600 4.31 -30.56 -25.50
CA LYS B 600 4.26 -31.01 -26.87
C LYS B 600 3.72 -30.00 -27.87
N VAL B 601 2.77 -29.15 -27.50
CA VAL B 601 2.05 -28.33 -28.47
C VAL B 601 2.27 -26.85 -28.25
N TYR B 602 2.04 -26.35 -27.05
CA TYR B 602 1.98 -24.91 -26.87
C TYR B 602 3.36 -24.29 -26.93
N VAL B 603 3.40 -23.02 -27.36
CA VAL B 603 4.63 -22.26 -27.43
C VAL B 603 4.36 -20.86 -26.88
N PRO B 604 5.07 -20.43 -25.85
CA PRO B 604 4.74 -19.15 -25.22
C PRO B 604 5.11 -17.98 -26.13
N SER B 605 4.41 -16.87 -25.94
CA SER B 605 4.68 -15.68 -26.73
C SER B 605 5.62 -14.73 -26.00
N TYR B 606 5.22 -14.27 -24.82
CA TYR B 606 6.06 -13.40 -24.01
C TYR B 606 6.76 -14.23 -22.94
N GLU B 607 7.51 -13.57 -22.06
CA GLU B 607 8.27 -14.29 -21.05
C GLU B 607 7.71 -14.08 -19.65
N SER B 608 7.65 -12.85 -19.16
CA SER B 608 7.12 -12.56 -17.83
C SER B 608 7.67 -13.54 -16.81
N TYR B 609 8.99 -13.50 -16.60
CA TYR B 609 9.72 -14.57 -15.94
C TYR B 609 8.99 -15.20 -14.77
N GLY B 610 8.42 -14.40 -13.91
CA GLY B 610 7.77 -15.04 -12.78
C GLY B 610 6.48 -14.41 -12.36
N GLU B 611 6.10 -13.30 -12.97
CA GLU B 611 4.92 -12.60 -12.51
C GLU B 611 3.69 -13.45 -12.78
N MET B 612 2.54 -12.89 -12.43
CA MET B 612 1.26 -13.59 -12.49
C MET B 612 1.21 -14.67 -11.44
N TRP B 613 2.29 -14.86 -10.69
CA TRP B 613 2.11 -15.72 -9.53
C TRP B 613 1.58 -14.95 -8.32
N PRO B 614 2.13 -13.80 -7.93
CA PRO B 614 1.59 -13.12 -6.75
C PRO B 614 0.14 -12.79 -6.93
N HIS B 615 -0.26 -12.51 -8.16
CA HIS B 615 -1.67 -12.35 -8.46
C HIS B 615 -2.44 -13.64 -8.15
N ILE B 616 -1.92 -14.78 -8.60
CA ILE B 616 -2.60 -16.04 -8.35
C ILE B 616 -2.69 -16.27 -6.85
N HIS B 617 -1.65 -15.93 -6.12
CA HIS B 617 -1.60 -16.17 -4.69
C HIS B 617 -2.63 -15.33 -3.98
N GLN B 618 -2.66 -14.04 -4.29
CA GLN B 618 -3.67 -13.17 -3.71
C GLN B 618 -5.07 -13.67 -4.04
N GLU B 619 -5.26 -14.24 -5.23
CA GLU B 619 -6.58 -14.69 -5.60
C GLU B 619 -6.98 -15.97 -4.88
N ILE B 620 -6.06 -16.92 -4.74
CA ILE B 620 -6.34 -18.09 -3.92
C ILE B 620 -6.69 -17.66 -2.51
N LEU B 621 -5.92 -16.71 -1.96
CA LEU B 621 -6.18 -16.25 -0.62
C LEU B 621 -7.54 -15.58 -0.51
N ALA B 622 -7.93 -14.84 -1.54
CA ALA B 622 -9.25 -14.23 -1.51
C ALA B 622 -10.34 -15.29 -1.55
N ALA B 623 -10.15 -16.33 -2.34
CA ALA B 623 -11.11 -17.41 -2.33
C ALA B 623 -11.23 -18.03 -0.96
N LEU B 624 -10.09 -18.25 -0.29
CA LEU B 624 -10.12 -18.81 1.05
C LEU B 624 -10.83 -17.89 2.02
N PHE B 625 -10.55 -16.59 1.93
CA PHE B 625 -11.17 -15.63 2.84
C PHE B 625 -12.67 -15.61 2.64
N LEU B 626 -13.12 -15.64 1.39
CA LEU B 626 -14.55 -15.74 1.13
C LEU B 626 -15.11 -17.04 1.71
N PHE B 627 -14.36 -18.13 1.60
CA PHE B 627 -14.81 -19.39 2.17
C PHE B 627 -15.02 -19.27 3.65
N GLN B 628 -14.05 -18.67 4.34
CA GLN B 628 -14.17 -18.56 5.79
C GLN B 628 -15.38 -17.70 6.17
N VAL B 629 -15.60 -16.60 5.45
CA VAL B 629 -16.77 -15.77 5.74
C VAL B 629 -18.05 -16.55 5.49
N VAL B 630 -18.11 -17.31 4.40
CA VAL B 630 -19.34 -18.02 4.09
C VAL B 630 -19.60 -19.10 5.12
N MET B 631 -18.57 -19.76 5.62
CA MET B 631 -18.84 -20.74 6.67
C MET B 631 -19.22 -20.08 7.97
N PHE B 632 -18.65 -18.93 8.28
CA PHE B 632 -19.17 -18.15 9.39
C PHE B 632 -20.68 -17.99 9.23
N GLY B 633 -21.10 -17.61 8.02
CA GLY B 633 -22.51 -17.38 7.80
C GLY B 633 -23.37 -18.62 7.94
N TYR B 634 -22.97 -19.71 7.28
CA TYR B 634 -23.81 -20.91 7.30
C TYR B 634 -23.85 -21.52 8.69
N LEU B 635 -22.69 -21.64 9.33
CA LEU B 635 -22.68 -22.18 10.69
C LEU B 635 -23.52 -21.32 11.61
N GLY B 636 -23.44 -19.99 11.45
CA GLY B 636 -24.34 -19.13 12.21
C GLY B 636 -25.78 -19.44 11.95
N ALA B 637 -26.12 -19.72 10.69
CA ALA B 637 -27.48 -20.14 10.39
C ALA B 637 -27.79 -21.50 10.98
N LYS B 638 -26.78 -22.25 11.39
CA LYS B 638 -27.04 -23.50 12.08
C LYS B 638 -27.19 -23.34 13.58
N THR B 639 -27.20 -22.10 14.08
CA THR B 639 -27.68 -21.77 15.41
C THR B 639 -26.81 -22.34 16.52
N PHE B 640 -25.53 -22.54 16.28
CA PHE B 640 -24.59 -22.82 17.36
C PHE B 640 -23.35 -21.96 17.19
N PHE B 641 -22.94 -21.31 18.27
CA PHE B 641 -22.19 -20.07 18.22
C PHE B 641 -20.70 -20.29 18.29
N TYR B 642 -20.23 -21.31 17.59
CA TYR B 642 -18.82 -21.39 17.30
C TYR B 642 -18.34 -20.31 16.29
N THR B 643 -19.21 -19.33 15.98
CA THR B 643 -18.80 -18.23 15.13
C THR B 643 -17.68 -17.42 15.76
N ALA B 644 -17.69 -17.26 17.07
CA ALA B 644 -16.57 -16.61 17.74
C ALA B 644 -15.31 -17.45 17.63
N LEU B 645 -15.44 -18.74 17.29
CA LEU B 645 -14.28 -19.54 16.99
C LEU B 645 -13.86 -19.42 15.53
N VAL B 646 -14.80 -19.10 14.64
CA VAL B 646 -14.47 -18.99 13.23
C VAL B 646 -13.83 -17.65 12.89
N ILE B 647 -14.21 -16.57 13.58
CA ILE B 647 -13.63 -15.24 13.34
C ILE B 647 -12.10 -15.25 13.35
N PRO B 648 -11.45 -15.97 14.27
CA PRO B 648 -10.00 -16.05 14.21
C PRO B 648 -9.44 -16.39 12.84
N LEU B 649 -10.12 -17.22 12.05
CA LEU B 649 -9.59 -17.49 10.72
C LEU B 649 -9.71 -16.30 9.81
N ILE B 650 -10.76 -15.49 9.95
CA ILE B 650 -10.84 -14.28 9.16
C ILE B 650 -9.66 -13.38 9.44
N ILE B 651 -9.38 -13.16 10.74
CA ILE B 651 -8.23 -12.35 11.08
C ILE B 651 -6.94 -13.00 10.58
N THR B 652 -6.86 -14.32 10.67
CA THR B 652 -5.66 -15.01 10.25
C THR B 652 -5.42 -14.84 8.76
N SER B 653 -6.48 -14.89 7.96
CA SER B 653 -6.30 -14.71 6.52
C SER B 653 -5.86 -13.29 6.21
N LEU B 654 -6.46 -12.30 6.85
CA LEU B 654 -5.99 -10.94 6.58
C LEU B 654 -4.51 -10.80 6.95
N ILE B 655 -4.12 -11.34 8.09
CA ILE B 655 -2.75 -11.12 8.55
C ILE B 655 -1.78 -11.91 7.69
N PHE B 656 -2.20 -13.09 7.23
CA PHE B 656 -1.36 -13.89 6.36
C PHE B 656 -1.15 -13.18 5.04
N GLY B 657 -2.19 -12.55 4.52
CA GLY B 657 -2.00 -11.74 3.34
C GLY B 657 -0.97 -10.66 3.55
N TYR B 658 -1.07 -9.94 4.67
CA TYR B 658 -0.12 -8.86 4.90
C TYR B 658 1.30 -9.40 4.95
N VAL B 659 1.52 -10.47 5.71
CA VAL B 659 2.89 -10.94 5.89
C VAL B 659 3.44 -11.52 4.60
N CYS B 660 2.62 -12.21 3.81
CA CYS B 660 3.14 -12.76 2.57
C CYS B 660 3.49 -11.65 1.59
N ARG B 661 2.57 -10.71 1.35
CA ARG B 661 2.89 -9.63 0.42
C ARG B 661 4.09 -8.84 0.88
N GLN B 662 4.34 -8.77 2.19
CA GLN B 662 5.47 -7.97 2.61
C GLN B 662 6.76 -8.77 2.73
N LYS B 663 6.70 -10.09 2.77
CA LYS B 663 7.91 -10.87 2.97
C LYS B 663 8.38 -11.61 1.73
N PHE B 664 7.56 -11.74 0.70
CA PHE B 664 8.08 -12.24 -0.57
C PHE B 664 7.71 -11.43 -1.79
N TYR B 665 6.62 -10.70 -1.79
CA TYR B 665 6.10 -10.16 -3.02
C TYR B 665 6.67 -8.83 -3.36
N GLY B 666 7.83 -8.49 -2.82
CA GLY B 666 8.58 -7.34 -3.27
C GLY B 666 9.65 -7.75 -4.26
N GLY B 667 9.89 -9.04 -4.36
CA GLY B 667 10.83 -9.57 -5.31
C GLY B 667 10.22 -9.95 -6.63
N PHE B 668 8.96 -9.61 -6.84
CA PHE B 668 8.27 -9.91 -8.07
C PHE B 668 8.03 -8.67 -8.90
N GLU B 669 8.74 -7.59 -8.64
CA GLU B 669 8.58 -6.38 -9.42
C GLU B 669 9.85 -5.89 -10.07
N HIS B 670 11.02 -6.40 -9.71
CA HIS B 670 12.25 -5.91 -10.30
C HIS B 670 13.30 -6.99 -10.29
N THR B 671 14.12 -7.02 -11.33
CA THR B 671 15.35 -7.77 -11.20
C THR B 671 16.25 -7.07 -10.21
N ALA B 672 16.78 -7.82 -9.27
CA ALA B 672 17.58 -7.26 -8.20
C ALA B 672 18.93 -6.86 -8.73
N LEU B 673 19.54 -5.86 -8.09
CA LEU B 673 20.83 -5.36 -8.54
C LEU B 673 21.86 -6.47 -8.62
N GLU B 674 21.84 -7.39 -7.67
CA GLU B 674 22.78 -8.50 -7.71
C GLU B 674 22.59 -9.32 -8.97
N VAL B 675 21.34 -9.71 -9.25
CA VAL B 675 21.06 -10.47 -10.46
C VAL B 675 21.37 -9.65 -11.69
N ALA B 676 21.16 -8.33 -11.61
CA ALA B 676 21.53 -7.49 -12.72
C ALA B 676 23.01 -7.56 -13.01
N CYS B 677 23.82 -7.55 -11.96
CA CYS B 677 25.27 -7.69 -12.16
C CYS B 677 25.64 -9.08 -12.68
N ARG B 678 24.82 -10.09 -12.46
CA ARG B 678 25.15 -11.43 -12.91
C ARG B 678 24.21 -11.98 -13.99
N GLU B 679 23.50 -11.14 -14.73
CA GLU B 679 22.67 -11.63 -15.82
C GLU B 679 23.52 -12.30 -16.89
N LEU B 680 24.37 -11.53 -17.57
CA LEU B 680 25.46 -12.04 -18.41
C LEU B 680 26.47 -10.93 -18.66
N LYS B 681 27.75 -11.31 -18.63
CA LYS B 681 28.86 -10.39 -18.84
C LYS B 681 29.75 -10.96 -19.94
N GLN B 682 29.40 -10.67 -21.20
CA GLN B 682 30.17 -11.11 -22.36
C GLN B 682 30.23 -10.02 -23.42
N SER B 683 30.27 -8.75 -23.01
CA SER B 683 30.36 -7.58 -23.89
C SER B 683 29.15 -7.47 -24.82
N PRO B 684 27.98 -7.12 -24.30
CA PRO B 684 26.82 -6.92 -25.17
C PRO B 684 27.00 -5.66 -26.01
N ASP B 685 26.40 -5.67 -27.20
CA ASP B 685 26.42 -4.52 -28.08
C ASP B 685 25.07 -3.82 -28.07
N LEU B 686 25.08 -2.52 -27.83
CA LEU B 686 23.83 -1.81 -27.70
C LEU B 686 23.09 -1.70 -29.02
N GLU B 687 23.78 -1.82 -30.15
CA GLU B 687 23.12 -1.57 -31.43
C GLU B 687 22.03 -2.59 -31.71
N GLU B 688 22.29 -3.87 -31.47
CA GLU B 688 21.25 -4.88 -31.70
C GLU B 688 20.08 -4.66 -30.77
N ILE B 689 20.35 -4.36 -29.51
CA ILE B 689 19.29 -4.08 -28.55
C ILE B 689 18.42 -2.95 -29.06
N PHE B 690 19.05 -1.87 -29.51
CA PHE B 690 18.31 -0.72 -29.98
C PHE B 690 17.48 -1.06 -31.20
N ARG B 691 18.03 -1.88 -32.10
CA ARG B 691 17.25 -2.33 -33.24
C ARG B 691 16.13 -3.27 -32.85
N ALA B 692 16.12 -3.77 -31.61
CA ALA B 692 15.06 -4.68 -31.21
C ALA B 692 13.77 -3.98 -30.77
N TYR B 693 13.77 -2.67 -30.55
CA TYR B 693 12.54 -1.96 -30.25
C TYR B 693 11.98 -1.10 -31.36
N ILE B 694 12.55 -1.12 -32.56
CA ILE B 694 11.94 -0.37 -33.65
C ILE B 694 10.62 -1.07 -33.94
N PRO B 695 9.50 -0.36 -33.88
CA PRO B 695 8.20 -1.05 -33.78
C PRO B 695 7.72 -1.72 -35.06
N HIS B 696 7.77 -1.05 -36.19
CA HIS B 696 7.25 -1.62 -37.43
C HIS B 696 8.05 -2.83 -37.86
#